data_5N1P
#
_entry.id   5N1P
#
_cell.length_a   196.103
_cell.length_b   44.347
_cell.length_c   99.132
_cell.angle_alpha   90.00
_cell.angle_beta   98.83
_cell.angle_gamma   90.00
#
_symmetry.space_group_name_H-M   'C 1 2 1'
#
loop_
_entity.id
_entity.type
_entity.pdbx_description
1 polymer 'Peptidoglycan N-acetylglucosamine deacetylase'
2 non-polymer ~{N}-oxidanylnaphthalene-1-carboxamide
3 non-polymer 'ZINC ION'
4 non-polymer 1,2-ETHANEDIOL
5 non-polymer 'SODIUM ION'
6 non-polymer 'TRIETHYLENE GLYCOL'
7 water water
#
_entity_poly.entity_id   1
_entity_poly.type   'polypeptide(L)'
_entity_poly.pdbx_seq_one_letter_code
;RKVAYLTFDDGPGKYTAELLNTLKQHDAKATFFLIGANVKEFPDLVKRENAEGHYVGMHSMTHNFAKLYKNGEYVNEMKE
DQGLIANIIGKSPKLTRPPYGSMPGLNEGLRNKVVEGGFKVWDWTIDSLDWRYNKMPVDAAAAQIAQNVLTNATKPQEVI
LMHDIHPQSVAAVPAILKGLKEKGYEFEAYHEESHFPVNFWHDNRM
;
_entity_poly.pdbx_strand_id   A,B,C,D
#
# COMPACT_ATOMS: atom_id res chain seq x y z
N ARG A 1 -16.39 -15.37 31.75
CA ARG A 1 -17.54 -15.56 30.87
C ARG A 1 -17.12 -15.67 29.41
N LYS A 2 -17.29 -16.88 28.85
CA LYS A 2 -17.08 -17.09 27.43
C LYS A 2 -18.42 -17.18 26.72
N VAL A 3 -18.58 -16.43 25.64
CA VAL A 3 -19.84 -16.49 24.89
C VAL A 3 -19.61 -16.88 23.44
N ALA A 4 -20.39 -17.85 22.97
CA ALA A 4 -20.36 -18.26 21.57
C ALA A 4 -21.61 -17.74 20.87
N TYR A 5 -21.39 -17.06 19.75
CA TYR A 5 -22.49 -16.55 18.95
C TYR A 5 -22.64 -17.37 17.67
N LEU A 6 -23.56 -18.33 17.71
CA LEU A 6 -23.87 -19.09 16.51
C LEU A 6 -24.63 -18.18 15.57
N THR A 7 -24.20 -18.09 14.32
CA THR A 7 -24.92 -17.27 13.35
C THR A 7 -25.24 -18.10 12.11
N PHE A 8 -26.44 -17.90 11.59
CA PHE A 8 -26.92 -18.72 10.47
C PHE A 8 -27.37 -17.81 9.35
N ASP A 9 -26.74 -17.96 8.20
CA ASP A 9 -26.98 -17.12 7.02
C ASP A 9 -27.84 -17.81 5.95
N ASP A 10 -28.53 -16.97 5.17
CA ASP A 10 -29.11 -17.29 3.86
C ASP A 10 -30.55 -17.80 3.95
N GLY A 11 -31.10 -17.91 5.16
CA GLY A 11 -32.44 -18.43 5.34
C GLY A 11 -33.54 -17.36 5.35
N PRO A 12 -34.74 -17.73 5.83
CA PRO A 12 -35.06 -19.08 6.32
C PRO A 12 -35.21 -20.11 5.21
N GLY A 13 -35.35 -21.36 5.60
CA GLY A 13 -35.46 -22.43 4.64
C GLY A 13 -36.07 -23.66 5.27
N LYS A 14 -36.04 -24.76 4.55
CA LYS A 14 -36.74 -25.97 4.96
C LYS A 14 -36.09 -26.75 6.10
N TYR A 15 -34.95 -26.30 6.59
CA TYR A 15 -34.30 -26.97 7.73
C TYR A 15 -34.34 -26.10 8.98
N THR A 16 -34.91 -24.91 8.84
CA THR A 16 -34.85 -23.92 9.91
C THR A 16 -35.71 -24.30 11.12
N ALA A 17 -36.88 -24.87 10.88
CA ALA A 17 -37.74 -25.28 11.99
C ALA A 17 -37.02 -26.33 12.84
N GLU A 18 -36.37 -27.29 12.19
CA GLU A 18 -35.61 -28.30 12.90
C GLU A 18 -34.47 -27.69 13.72
N LEU A 19 -33.76 -26.74 13.12
CA LEU A 19 -32.71 -26.04 13.83
C LEU A 19 -33.25 -25.33 15.08
N LEU A 20 -34.37 -24.64 14.92
CA LEU A 20 -34.98 -23.95 16.05
C LEU A 20 -35.34 -24.90 17.18
N ASN A 21 -35.83 -26.08 16.82
CA ASN A 21 -36.16 -27.08 17.83
C ASN A 21 -34.91 -27.57 18.55
N THR A 22 -33.84 -27.75 17.79
CA THR A 22 -32.58 -28.19 18.36
C THR A 22 -32.03 -27.14 19.33
N LEU A 23 -32.07 -25.88 18.93
CA LEU A 23 -31.60 -24.80 19.79
C LEU A 23 -32.41 -24.73 21.09
N LYS A 24 -33.73 -24.86 20.98
CA LYS A 24 -34.62 -24.82 22.13
C LYS A 24 -34.35 -25.98 23.10
N GLN A 25 -34.11 -27.17 22.56
CA GLN A 25 -33.84 -28.36 23.36
C GLN A 25 -32.53 -28.26 24.15
N HIS A 26 -31.64 -27.37 23.71
CA HIS A 26 -30.39 -27.12 24.43
C HIS A 26 -30.37 -25.72 25.07
N ASP A 27 -31.52 -25.06 25.09
CA ASP A 27 -31.66 -23.70 25.62
C ASP A 27 -30.56 -22.78 25.12
N ALA A 28 -30.29 -22.86 23.83
CA ALA A 28 -29.29 -22.01 23.19
C ALA A 28 -29.99 -20.94 22.38
N LYS A 29 -29.42 -19.73 22.38
CA LYS A 29 -29.95 -18.63 21.58
C LYS A 29 -28.94 -18.32 20.50
N ALA A 30 -29.41 -17.94 19.32
CA ALA A 30 -28.54 -17.77 18.17
C ALA A 30 -28.97 -16.54 17.38
N THR A 31 -28.28 -16.32 16.25
CA THR A 31 -28.49 -15.13 15.43
C THR A 31 -28.71 -15.58 13.98
N PHE A 32 -29.71 -15.01 13.32
CA PHE A 32 -30.06 -15.39 11.96
C PHE A 32 -29.97 -14.21 11.04
N PHE A 33 -29.35 -14.38 9.88
CA PHE A 33 -29.22 -13.29 8.90
C PHE A 33 -29.95 -13.72 7.63
N LEU A 34 -31.05 -13.01 7.35
CA LEU A 34 -32.04 -13.49 6.40
C LEU A 34 -31.97 -12.77 5.06
N ILE A 35 -32.27 -13.53 4.00
CA ILE A 35 -32.35 -12.98 2.65
C ILE A 35 -33.79 -12.61 2.35
N GLY A 36 -33.99 -11.42 1.77
CA GLY A 36 -35.34 -10.88 1.60
C GLY A 36 -36.35 -11.80 0.93
N ALA A 37 -35.96 -12.47 -0.16
CA ALA A 37 -36.88 -13.37 -0.83
C ALA A 37 -37.35 -14.48 0.10
N ASN A 38 -36.48 -14.95 1.00
CA ASN A 38 -36.86 -16.01 1.91
C ASN A 38 -37.69 -15.49 3.08
N VAL A 39 -37.50 -14.23 3.45
CA VAL A 39 -38.36 -13.60 4.43
C VAL A 39 -39.81 -13.60 3.90
N LYS A 40 -39.95 -13.32 2.62
CA LYS A 40 -41.26 -13.27 2.01
C LYS A 40 -41.89 -14.67 1.91
N GLU A 41 -41.07 -15.68 1.64
CA GLU A 41 -41.61 -17.02 1.47
C GLU A 41 -41.89 -17.72 2.79
N PHE A 42 -41.09 -17.40 3.82
CA PHE A 42 -41.21 -18.07 5.11
C PHE A 42 -41.46 -17.13 6.30
N PRO A 43 -42.53 -16.33 6.25
CA PRO A 43 -42.73 -15.34 7.32
C PRO A 43 -42.94 -15.99 8.68
N ASP A 44 -43.57 -17.17 8.72
CA ASP A 44 -43.82 -17.81 10.00
C ASP A 44 -42.50 -18.21 10.66
N LEU A 45 -41.49 -18.53 9.86
CA LEU A 45 -40.20 -18.92 10.45
C LEU A 45 -39.47 -17.69 10.99
N VAL A 46 -39.62 -16.57 10.30
CA VAL A 46 -39.07 -15.32 10.79
C VAL A 46 -39.68 -14.99 12.15
N LYS A 47 -41.00 -15.14 12.24
CA LYS A 47 -41.70 -14.87 13.49
C LYS A 47 -41.20 -15.78 14.61
N ARG A 48 -41.05 -17.04 14.28
CA ARG A 48 -40.63 -18.01 15.27
C ARG A 48 -39.18 -17.76 15.75
N GLU A 49 -38.28 -17.42 14.83
CA GLU A 49 -36.90 -17.09 15.19
C GLU A 49 -36.88 -15.99 16.25
N ASN A 50 -37.60 -14.90 15.97
CA ASN A 50 -37.63 -13.76 16.86
C ASN A 50 -38.35 -14.07 18.17
N ALA A 51 -39.44 -14.82 18.10
CA ALA A 51 -40.23 -15.14 19.29
C ALA A 51 -39.50 -16.05 20.26
N GLU A 52 -38.57 -16.85 19.75
CA GLU A 52 -37.90 -17.83 20.58
C GLU A 52 -36.54 -17.34 21.07
N GLY A 53 -36.34 -16.03 21.01
CA GLY A 53 -35.22 -15.40 21.66
C GLY A 53 -34.00 -15.18 20.80
N HIS A 54 -34.11 -15.50 19.52
CA HIS A 54 -32.97 -15.34 18.64
C HIS A 54 -32.96 -13.98 18.00
N TYR A 55 -31.79 -13.52 17.60
CA TYR A 55 -31.71 -12.26 16.90
C TYR A 55 -31.94 -12.48 15.40
N VAL A 56 -32.82 -11.67 14.82
CA VAL A 56 -33.05 -11.69 13.38
C VAL A 56 -32.49 -10.42 12.73
N GLY A 57 -31.52 -10.61 11.86
CA GLY A 57 -30.90 -9.50 11.13
C GLY A 57 -30.94 -9.72 9.63
N MET A 58 -30.23 -8.85 8.90
CA MET A 58 -30.36 -8.78 7.46
C MET A 58 -29.15 -9.34 6.72
N HIS A 59 -29.41 -10.02 5.60
CA HIS A 59 -28.33 -10.57 4.75
C HIS A 59 -28.51 -10.19 3.29
N SER A 60 -29.28 -9.12 3.06
CA SER A 60 -29.52 -8.45 1.77
C SER A 60 -30.71 -9.04 1.00
N MET A 61 -30.96 -8.48 -0.18
CA MET A 61 -32.06 -8.90 -1.04
C MET A 61 -31.59 -9.84 -2.14
N THR A 62 -30.48 -9.47 -2.77
CA THR A 62 -30.00 -10.16 -3.97
C THR A 62 -28.83 -11.09 -3.71
N HIS A 63 -28.11 -10.86 -2.63
CA HIS A 63 -26.87 -11.60 -2.34
C HIS A 63 -25.92 -11.54 -3.55
N ASN A 64 -25.97 -10.40 -4.24
CA ASN A 64 -25.19 -10.21 -5.47
C ASN A 64 -24.00 -9.29 -5.21
N PHE A 65 -22.78 -9.85 -5.28
CA PHE A 65 -21.55 -9.10 -5.01
C PHE A 65 -21.43 -7.82 -5.81
N ALA A 66 -21.66 -7.89 -7.11
CA ALA A 66 -21.52 -6.71 -7.97
C ALA A 66 -22.53 -5.60 -7.61
N LYS A 67 -23.77 -5.99 -7.35
CA LYS A 67 -24.80 -5.02 -6.97
C LYS A 67 -24.50 -4.38 -5.63
N LEU A 68 -24.14 -5.19 -4.65
CA LEU A 68 -23.95 -4.69 -3.29
C LEU A 68 -22.76 -3.76 -3.13
N TYR A 69 -21.63 -4.14 -3.71
CA TYR A 69 -20.38 -3.46 -3.41
C TYR A 69 -19.92 -2.54 -4.54
N LYS A 70 -19.74 -3.09 -5.72
CA LYS A 70 -19.31 -2.26 -6.87
C LYS A 70 -20.36 -1.21 -7.24
N ASN A 71 -21.61 -1.65 -7.36
CA ASN A 71 -22.71 -0.74 -7.71
C ASN A 71 -23.23 0.01 -6.46
N GLY A 72 -22.71 -0.36 -5.30
CA GLY A 72 -22.98 0.37 -4.06
C GLY A 72 -24.38 0.27 -3.49
N GLU A 73 -25.07 -0.83 -3.74
CA GLU A 73 -26.45 -0.98 -3.27
C GLU A 73 -26.60 -1.57 -1.88
N TYR A 74 -25.48 -1.82 -1.19
CA TYR A 74 -25.51 -2.52 0.10
C TYR A 74 -26.52 -1.94 1.07
N VAL A 75 -26.45 -0.65 1.32
CA VAL A 75 -27.32 -0.07 2.35
C VAL A 75 -28.78 -0.07 1.86
N ASN A 76 -29.00 0.22 0.59
CA ASN A 76 -30.37 0.17 0.05
C ASN A 76 -30.99 -1.22 0.23
N GLU A 77 -30.23 -2.28 -0.08
CA GLU A 77 -30.74 -3.63 0.06
C GLU A 77 -31.01 -3.98 1.52
N MET A 78 -30.09 -3.57 2.40
CA MET A 78 -30.28 -3.90 3.80
C MET A 78 -31.52 -3.19 4.38
N LYS A 79 -31.77 -1.96 3.92
CA LYS A 79 -32.94 -1.20 4.35
C LYS A 79 -34.22 -1.87 3.84
N GLU A 80 -34.19 -2.38 2.62
CA GLU A 80 -35.38 -3.04 2.07
C GLU A 80 -35.69 -4.32 2.86
N ASP A 81 -34.65 -5.07 3.16
CA ASP A 81 -34.75 -6.31 3.91
C ASP A 81 -35.25 -6.02 5.34
N GLN A 82 -34.71 -4.96 5.92
CA GLN A 82 -35.13 -4.50 7.23
C GLN A 82 -36.65 -4.28 7.29
N GLY A 83 -37.17 -3.63 6.27
CA GLY A 83 -38.61 -3.34 6.21
C GLY A 83 -39.45 -4.61 6.11
N LEU A 84 -38.99 -5.58 5.34
CA LEU A 84 -39.70 -6.85 5.22
C LEU A 84 -39.77 -7.58 6.56
N ILE A 85 -38.65 -7.60 7.27
CA ILE A 85 -38.63 -8.21 8.60
C ILE A 85 -39.54 -7.45 9.56
N ALA A 86 -39.47 -6.12 9.54
CA ALA A 86 -40.26 -5.29 10.45
C ALA A 86 -41.76 -5.49 10.24
N ASN A 87 -42.15 -5.78 9.00
CA ASN A 87 -43.56 -6.02 8.68
CA ASN A 87 -43.57 -5.98 8.73
C ASN A 87 -44.11 -7.22 9.44
N ILE A 88 -43.23 -8.16 9.74
CA ILE A 88 -43.61 -9.38 10.41
C ILE A 88 -43.49 -9.26 11.92
N ILE A 89 -42.34 -8.80 12.39
CA ILE A 89 -42.10 -8.81 13.85
C ILE A 89 -42.23 -7.45 14.55
N GLY A 90 -42.50 -6.39 13.82
CA GLY A 90 -42.74 -5.09 14.43
C GLY A 90 -41.48 -4.40 14.94
N LYS A 91 -40.33 -4.96 14.60
CA LYS A 91 -39.04 -4.42 15.02
C LYS A 91 -38.18 -4.25 13.78
N SER A 92 -37.43 -3.15 13.71
CA SER A 92 -36.49 -2.93 12.61
C SER A 92 -35.08 -3.25 13.08
N PRO A 93 -34.54 -4.41 12.65
CA PRO A 93 -33.20 -4.78 13.12
C PRO A 93 -32.13 -3.86 12.60
N LYS A 94 -31.04 -3.70 13.35
CA LYS A 94 -29.93 -2.85 12.91
C LYS A 94 -28.73 -3.63 12.39
N LEU A 95 -28.60 -4.91 12.76
CA LEU A 95 -27.40 -5.65 12.40
C LEU A 95 -27.50 -6.32 11.03
N THR A 96 -26.47 -6.11 10.22
CA THR A 96 -26.37 -6.72 8.91
C THR A 96 -25.15 -7.64 8.87
N ARG A 97 -25.24 -8.66 8.05
CA ARG A 97 -24.12 -9.58 7.76
C ARG A 97 -23.85 -9.48 6.26
N PRO A 98 -22.66 -9.02 5.87
CA PRO A 98 -22.43 -8.84 4.43
C PRO A 98 -22.30 -10.15 3.69
N PRO A 99 -23.05 -10.31 2.59
CA PRO A 99 -22.74 -11.44 1.72
C PRO A 99 -21.27 -11.39 1.31
N TYR A 100 -20.60 -12.54 1.39
CA TYR A 100 -19.17 -12.70 1.04
C TYR A 100 -18.26 -11.98 2.04
N GLY A 101 -18.81 -11.51 3.15
CA GLY A 101 -18.01 -10.80 4.15
C GLY A 101 -17.74 -9.36 3.74
N SER A 102 -17.30 -8.54 4.69
CA SER A 102 -17.12 -7.10 4.41
C SER A 102 -15.86 -6.75 3.63
N MET A 103 -14.91 -7.68 3.55
CA MET A 103 -13.58 -7.40 2.98
C MET A 103 -13.39 -8.16 1.66
N PRO A 104 -13.13 -7.43 0.56
CA PRO A 104 -12.90 -5.99 0.47
C PRO A 104 -14.12 -5.17 0.04
N GLY A 105 -15.27 -5.81 -0.08
CA GLY A 105 -16.47 -5.19 -0.65
C GLY A 105 -16.93 -3.88 -0.02
N LEU A 106 -17.01 -3.84 1.31
CA LEU A 106 -17.49 -2.65 2.01
C LEU A 106 -16.37 -1.63 2.14
N ASN A 107 -16.17 -0.84 1.09
CA ASN A 107 -15.12 0.16 1.09
C ASN A 107 -15.45 1.36 2.00
N GLU A 108 -14.50 2.29 2.08
CA GLU A 108 -14.64 3.50 2.88
C GLU A 108 -16.00 4.17 2.80
N GLY A 109 -16.42 4.44 1.57
CA GLY A 109 -17.66 5.18 1.33
C GLY A 109 -18.87 4.40 1.78
N LEU A 110 -18.87 3.09 1.55
CA LEU A 110 -19.98 2.25 1.97
C LEU A 110 -20.04 2.11 3.48
N ARG A 111 -18.89 2.03 4.14
CA ARG A 111 -18.91 1.92 5.61
C ARG A 111 -19.51 3.19 6.21
N ASN A 112 -19.21 4.35 5.62
CA ASN A 112 -19.86 5.59 6.06
C ASN A 112 -21.36 5.55 5.86
N LYS A 113 -21.81 5.02 4.72
CA LYS A 113 -23.23 4.92 4.44
C LYS A 113 -23.92 3.99 5.44
N VAL A 114 -23.23 2.92 5.81
CA VAL A 114 -23.75 1.99 6.82
C VAL A 114 -23.99 2.71 8.13
N VAL A 115 -22.97 3.43 8.59
CA VAL A 115 -23.03 4.14 9.86
C VAL A 115 -24.13 5.19 9.81
N GLU A 116 -24.17 5.94 8.71
CA GLU A 116 -25.14 7.02 8.54
C GLU A 116 -26.57 6.49 8.47
N GLY A 117 -26.73 5.26 8.02
CA GLY A 117 -28.03 4.63 7.93
C GLY A 117 -28.49 3.96 9.21
N GLY A 118 -27.63 3.98 10.23
CA GLY A 118 -27.98 3.44 11.54
C GLY A 118 -27.77 1.94 11.62
N PHE A 119 -27.01 1.39 10.69
CA PHE A 119 -26.77 -0.06 10.66
C PHE A 119 -25.46 -0.44 11.33
N LYS A 120 -25.37 -1.69 11.75
CA LYS A 120 -24.13 -2.31 12.17
C LYS A 120 -23.78 -3.46 11.22
N VAL A 121 -22.53 -3.91 11.29
CA VAL A 121 -22.04 -4.97 10.42
C VAL A 121 -21.30 -6.01 11.25
N TRP A 122 -21.72 -7.27 11.15
CA TRP A 122 -20.96 -8.35 11.76
C TRP A 122 -20.46 -9.31 10.69
N ASP A 123 -19.15 -9.53 10.69
CA ASP A 123 -18.56 -10.65 9.97
C ASP A 123 -18.53 -11.82 10.95
N TRP A 124 -17.42 -12.54 11.04
CA TRP A 124 -17.38 -13.71 11.92
C TRP A 124 -15.95 -13.94 12.38
N THR A 125 -15.77 -14.80 13.38
CA THR A 125 -14.41 -15.16 13.83
C THR A 125 -14.08 -16.61 13.54
N ILE A 126 -15.09 -17.43 13.35
CA ILE A 126 -14.90 -18.84 13.00
C ILE A 126 -15.77 -19.19 11.80
N ASP A 127 -15.13 -19.66 10.74
CA ASP A 127 -15.84 -20.14 9.55
C ASP A 127 -15.96 -21.66 9.63
N SER A 128 -17.19 -22.16 9.69
CA SER A 128 -17.42 -23.60 9.82
C SER A 128 -17.04 -24.39 8.58
N LEU A 129 -16.83 -23.68 7.47
CA LEU A 129 -16.53 -24.32 6.18
C LEU A 129 -17.62 -25.30 5.75
N ASP A 130 -18.85 -25.07 6.23
CA ASP A 130 -19.91 -26.05 6.00
C ASP A 130 -20.19 -26.27 4.50
N TRP A 131 -19.91 -25.26 3.68
CA TRP A 131 -20.10 -25.38 2.23
C TRP A 131 -19.16 -26.42 1.58
N ARG A 132 -18.05 -26.72 2.24
CA ARG A 132 -17.10 -27.70 1.69
C ARG A 132 -17.71 -29.08 1.56
N TYR A 133 -18.72 -29.36 2.39
CA TYR A 133 -19.26 -30.69 2.45
C TYR A 133 -20.68 -30.73 1.88
N ASN A 134 -21.00 -29.74 1.05
CA ASN A 134 -22.29 -29.75 0.33
C ASN A 134 -22.47 -31.03 -0.47
N LYS A 135 -23.65 -31.63 -0.35
CA LYS A 135 -24.04 -32.84 -1.08
C LYS A 135 -23.30 -34.10 -0.65
N MET A 136 -22.57 -34.02 0.47
CA MET A 136 -21.93 -35.19 1.05
C MET A 136 -22.85 -35.81 2.11
N PRO A 137 -22.63 -37.08 2.48
CA PRO A 137 -23.46 -37.71 3.53
C PRO A 137 -23.54 -36.87 4.79
N VAL A 138 -24.75 -36.69 5.30
CA VAL A 138 -25.01 -35.64 6.27
C VAL A 138 -24.34 -35.85 7.62
N ASP A 139 -24.44 -37.05 8.19
CA ASP A 139 -23.89 -37.24 9.54
C ASP A 139 -22.37 -37.15 9.56
N ALA A 140 -21.71 -37.66 8.53
CA ALA A 140 -20.24 -37.55 8.46
C ALA A 140 -19.82 -36.10 8.23
N ALA A 141 -20.56 -35.39 7.37
CA ALA A 141 -20.26 -33.99 7.08
C ALA A 141 -20.43 -33.16 8.34
N ALA A 142 -21.50 -33.44 9.08
CA ALA A 142 -21.79 -32.72 10.32
C ALA A 142 -20.67 -32.87 11.34
N ALA A 143 -20.15 -34.08 11.48
CA ALA A 143 -19.07 -34.34 12.43
C ALA A 143 -17.83 -33.51 12.05
N GLN A 144 -17.56 -33.42 10.74
CA GLN A 144 -16.40 -32.66 10.25
C GLN A 144 -16.60 -31.17 10.47
N ILE A 145 -17.82 -30.69 10.23
CA ILE A 145 -18.14 -29.29 10.49
C ILE A 145 -17.99 -28.97 11.97
N ALA A 146 -18.47 -29.87 12.82
CA ALA A 146 -18.35 -29.66 14.25
C ALA A 146 -16.87 -29.56 14.65
N GLN A 147 -16.01 -30.41 14.12
CA GLN A 147 -14.60 -30.31 14.50
C GLN A 147 -13.96 -29.05 13.91
N ASN A 148 -14.45 -28.58 12.76
CA ASN A 148 -13.94 -27.32 12.21
C ASN A 148 -14.18 -26.19 13.17
N VAL A 149 -15.39 -26.16 13.73
CA VAL A 149 -15.76 -25.13 14.69
C VAL A 149 -15.02 -25.31 16.03
N LEU A 150 -15.10 -26.52 16.58
CA LEU A 150 -14.64 -26.77 17.95
C LEU A 150 -13.17 -26.46 18.17
N THR A 151 -12.35 -26.72 17.17
CA THR A 151 -10.92 -26.52 17.31
C THR A 151 -10.55 -25.04 17.18
N ASN A 152 -11.31 -24.31 16.38
CA ASN A 152 -11.06 -22.89 16.15
C ASN A 152 -11.56 -22.00 17.29
N ALA A 153 -12.23 -22.59 18.27
CA ALA A 153 -12.82 -21.84 19.37
C ALA A 153 -11.83 -21.68 20.53
N THR A 154 -11.27 -20.48 20.66
CA THR A 154 -10.25 -20.22 21.68
C THR A 154 -10.50 -18.93 22.47
N LYS A 155 -11.04 -17.92 21.79
CA LYS A 155 -11.25 -16.58 22.36
C LYS A 155 -12.49 -16.53 23.26
N PRO A 156 -12.54 -15.54 24.18
CA PRO A 156 -13.69 -15.35 25.06
C PRO A 156 -14.99 -15.13 24.29
N GLN A 157 -14.91 -14.41 23.18
CA GLN A 157 -16.05 -14.25 22.27
C GLN A 157 -15.73 -14.84 20.91
N GLU A 158 -16.60 -15.71 20.43
CA GLU A 158 -16.45 -16.26 19.09
C GLU A 158 -17.76 -16.12 18.33
N VAL A 159 -17.67 -15.69 17.08
CA VAL A 159 -18.84 -15.56 16.22
C VAL A 159 -18.71 -16.58 15.10
N ILE A 160 -19.64 -17.52 15.06
CA ILE A 160 -19.49 -18.69 14.21
C ILE A 160 -20.39 -18.62 12.97
N LEU A 161 -19.79 -18.73 11.79
CA LEU A 161 -20.51 -18.67 10.52
C LEU A 161 -21.01 -20.05 10.09
N MET A 162 -22.33 -20.17 10.02
CA MET A 162 -22.98 -21.35 9.49
C MET A 162 -24.14 -20.93 8.58
N HIS A 163 -24.74 -21.90 7.91
CA HIS A 163 -25.83 -21.64 6.97
C HIS A 163 -26.95 -22.63 7.22
N ASP A 164 -28.11 -22.16 7.67
CA ASP A 164 -29.17 -23.10 8.03
C ASP A 164 -29.93 -23.63 6.82
N ILE A 165 -29.53 -23.22 5.62
CA ILE A 165 -30.17 -23.71 4.41
C ILE A 165 -29.56 -25.02 3.93
N HIS A 166 -28.53 -25.48 4.63
CA HIS A 166 -27.87 -26.75 4.31
C HIS A 166 -28.04 -27.75 5.44
N PRO A 167 -28.44 -28.99 5.08
CA PRO A 167 -28.76 -30.05 6.03
C PRO A 167 -27.60 -30.38 6.95
N GLN A 168 -26.40 -30.41 6.38
CA GLN A 168 -25.24 -30.85 7.16
C GLN A 168 -24.88 -29.83 8.25
N SER A 169 -25.17 -28.55 8.00
CA SER A 169 -24.94 -27.50 8.98
C SER A 169 -25.85 -27.67 10.18
N VAL A 170 -27.13 -27.84 9.90
CA VAL A 170 -28.11 -28.03 10.97
C VAL A 170 -27.79 -29.29 11.78
N ALA A 171 -27.34 -30.35 11.11
CA ALA A 171 -27.00 -31.60 11.78
C ALA A 171 -25.75 -31.48 12.67
N ALA A 172 -24.92 -30.48 12.39
CA ALA A 172 -23.68 -30.31 13.14
C ALA A 172 -23.93 -29.60 14.47
N VAL A 173 -25.08 -28.95 14.59
CA VAL A 173 -25.28 -28.06 15.73
C VAL A 173 -25.29 -28.78 17.11
N PRO A 174 -25.93 -29.96 17.23
CA PRO A 174 -25.83 -30.62 18.55
C PRO A 174 -24.40 -30.86 19.02
N ALA A 175 -23.52 -31.34 18.13
CA ALA A 175 -22.13 -31.60 18.51
C ALA A 175 -21.35 -30.32 18.79
N ILE A 176 -21.71 -29.24 18.08
CA ILE A 176 -21.07 -27.96 18.32
C ILE A 176 -21.48 -27.43 19.69
N LEU A 177 -22.76 -27.52 20.01
CA LEU A 177 -23.27 -27.05 21.29
C LEU A 177 -22.59 -27.79 22.43
N LYS A 178 -22.57 -29.12 22.35
CA LYS A 178 -21.93 -29.96 23.36
C LYS A 178 -20.44 -29.63 23.50
N GLY A 179 -19.74 -29.57 22.37
CA GLY A 179 -18.32 -29.29 22.38
C GLY A 179 -17.97 -27.94 22.96
N LEU A 180 -18.79 -26.93 22.74
CA LEU A 180 -18.48 -25.61 23.26
C LEU A 180 -18.92 -25.42 24.72
N LYS A 181 -20.01 -26.07 25.12
CA LYS A 181 -20.46 -26.00 26.51
C LYS A 181 -19.42 -26.60 27.44
N GLU A 182 -18.77 -27.66 26.95
CA GLU A 182 -17.72 -28.33 27.71
C GLU A 182 -16.55 -27.40 27.92
N LYS A 183 -16.35 -26.47 26.99
CA LYS A 183 -15.23 -25.54 27.08
C LYS A 183 -15.64 -24.22 27.72
N GLY A 184 -16.81 -24.21 28.34
CA GLY A 184 -17.24 -23.10 29.16
C GLY A 184 -17.87 -21.95 28.39
N TYR A 185 -18.27 -22.19 27.15
CA TYR A 185 -19.01 -21.19 26.38
C TYR A 185 -20.49 -21.23 26.73
N GLU A 186 -21.11 -20.06 26.85
CA GLU A 186 -22.56 -19.96 26.83
C GLU A 186 -23.00 -19.53 25.43
N PHE A 187 -24.22 -19.90 25.05
CA PHE A 187 -24.72 -19.56 23.72
C PHE A 187 -25.76 -18.46 23.75
N GLU A 188 -25.36 -17.28 23.25
CA GLU A 188 -26.25 -16.13 23.27
C GLU A 188 -26.53 -15.62 21.87
N ALA A 189 -27.67 -14.95 21.75
CA ALA A 189 -27.98 -14.21 20.54
C ALA A 189 -27.26 -12.88 20.57
N TYR A 190 -27.12 -12.27 19.42
CA TYR A 190 -26.72 -10.88 19.35
C TYR A 190 -27.73 -10.00 20.04
N HIS A 191 -27.21 -8.93 20.62
CA HIS A 191 -27.94 -7.94 21.43
C HIS A 191 -27.55 -6.51 21.02
N GLU A 192 -28.50 -5.81 20.37
CA GLU A 192 -28.25 -4.47 19.85
C GLU A 192 -27.73 -3.52 20.93
N GLU A 193 -28.30 -3.61 22.13
CA GLU A 193 -27.90 -2.75 23.22
C GLU A 193 -26.52 -3.12 23.79
N SER A 194 -25.99 -4.26 23.35
CA SER A 194 -24.69 -4.75 23.82
C SER A 194 -23.73 -4.97 22.66
N HIS A 195 -23.87 -4.16 21.62
CA HIS A 195 -23.03 -4.29 20.43
C HIS A 195 -21.55 -4.20 20.76
N PHE A 196 -20.76 -5.06 20.15
CA PHE A 196 -19.31 -4.89 20.10
C PHE A 196 -18.88 -5.20 18.67
N PRO A 197 -17.83 -4.51 18.19
CA PRO A 197 -17.45 -4.68 16.79
C PRO A 197 -16.84 -6.05 16.49
N VAL A 198 -17.36 -6.67 15.43
CA VAL A 198 -16.80 -7.90 14.87
C VAL A 198 -16.84 -7.75 13.36
N ASN A 199 -15.80 -7.14 12.81
CA ASN A 199 -15.76 -7.00 11.35
C ASN A 199 -14.32 -7.01 10.86
N PHE A 200 -14.16 -7.43 9.61
CA PHE A 200 -12.83 -7.66 9.03
C PHE A 200 -12.04 -6.36 8.87
N TRP A 201 -12.72 -5.22 8.82
CA TRP A 201 -12.04 -3.93 8.70
C TRP A 201 -11.55 -3.41 10.02
N HIS A 202 -11.96 -4.05 11.12
CA HIS A 202 -11.71 -3.55 12.46
C HIS A 202 -12.16 -2.09 12.55
N ASP A 203 -13.29 -1.82 11.90
CA ASP A 203 -13.92 -0.50 11.90
C ASP A 203 -14.84 -0.44 13.11
N ASN A 204 -14.45 0.35 14.12
CA ASN A 204 -15.15 0.30 15.39
C ASN A 204 -16.43 1.12 15.39
N ARG A 205 -16.77 1.68 14.24
CA ARG A 205 -18.01 2.45 14.11
C ARG A 205 -19.21 1.60 13.70
N MET A 206 -18.96 0.39 13.21
CA MET A 206 -20.07 -0.45 12.79
C MET A 206 -20.06 -1.78 13.53
N ARG B 1 16.25 22.34 19.08
CA ARG B 1 14.80 22.13 19.15
C ARG B 1 14.28 21.44 17.89
N LYS B 2 13.62 20.31 18.09
CA LYS B 2 13.07 19.55 16.98
C LYS B 2 11.56 19.76 16.88
N VAL B 3 11.08 20.03 15.67
CA VAL B 3 9.67 20.30 15.48
C VAL B 3 9.11 19.43 14.37
N ALA B 4 8.02 18.75 14.68
CA ALA B 4 7.25 17.99 13.70
C ALA B 4 6.02 18.79 13.30
N TYR B 5 5.87 19.00 11.99
CA TYR B 5 4.71 19.65 11.42
C TYR B 5 3.83 18.61 10.76
N LEU B 6 2.82 18.14 11.50
CA LEU B 6 1.82 17.27 10.91
C LEU B 6 0.96 18.09 10.00
N THR B 7 0.78 17.63 8.77
CA THR B 7 -0.08 18.37 7.85
C THR B 7 -1.12 17.42 7.27
N PHE B 8 -2.34 17.92 7.14
CA PHE B 8 -3.45 17.08 6.74
C PHE B 8 -4.14 17.68 5.52
N ASP B 9 -4.14 16.94 4.42
CA ASP B 9 -4.67 17.42 3.13
C ASP B 9 -6.05 16.88 2.82
N ASP B 10 -6.79 17.66 2.03
CA ASP B 10 -7.99 17.26 1.25
C ASP B 10 -9.29 17.39 2.02
N GLY B 11 -9.23 17.86 3.27
CA GLY B 11 -10.43 17.95 4.10
C GLY B 11 -11.13 19.30 4.05
N PRO B 12 -12.04 19.55 5.00
CA PRO B 12 -12.36 18.61 6.08
C PRO B 12 -13.23 17.45 5.61
N GLY B 13 -13.45 16.49 6.51
CA GLY B 13 -14.31 15.38 6.20
C GLY B 13 -14.83 14.70 7.46
N LYS B 14 -15.34 13.50 7.27
CA LYS B 14 -16.08 12.83 8.31
C LYS B 14 -15.22 12.20 9.42
N TYR B 15 -13.89 12.31 9.30
CA TYR B 15 -13.00 11.79 10.35
C TYR B 15 -12.25 12.93 11.04
N THR B 16 -12.51 14.16 10.61
CA THR B 16 -11.75 15.30 11.10
C THR B 16 -12.05 15.62 12.57
N ALA B 17 -13.31 15.47 12.98
CA ALA B 17 -13.64 15.73 14.38
C ALA B 17 -12.88 14.79 15.32
N GLU B 18 -12.82 13.51 14.94
CA GLU B 18 -12.06 12.54 15.73
C GLU B 18 -10.58 12.92 15.80
N LEU B 19 -10.03 13.30 14.65
CA LEU B 19 -8.64 13.72 14.59
C LEU B 19 -8.38 14.90 15.53
N LEU B 20 -9.27 15.90 15.50
CA LEU B 20 -9.08 17.08 16.34
C LEU B 20 -9.15 16.71 17.82
N ASN B 21 -10.00 15.75 18.17
CA ASN B 21 -10.04 15.24 19.54
C ASN B 21 -8.70 14.63 19.94
N THR B 22 -8.12 13.87 19.02
CA THR B 22 -6.85 13.22 19.30
C THR B 22 -5.72 14.23 19.51
N LEU B 23 -5.65 15.24 18.66
CA LEU B 23 -4.59 16.23 18.75
C LEU B 23 -4.65 17.00 20.07
N LYS B 24 -5.86 17.39 20.41
CA LYS B 24 -6.19 18.12 21.62
C LYS B 24 -5.78 17.38 22.88
N GLN B 25 -6.03 16.07 22.87
CA GLN B 25 -5.73 15.22 24.02
C GLN B 25 -4.22 15.14 24.25
N HIS B 26 -3.45 15.28 23.18
CA HIS B 26 -2.00 15.14 23.30
C HIS B 26 -1.27 16.47 23.15
N ASP B 27 -2.01 17.57 23.30
CA ASP B 27 -1.43 18.92 23.30
C ASP B 27 -0.69 19.21 21.99
N ALA B 28 -1.19 18.66 20.89
CA ALA B 28 -0.51 18.77 19.61
C ALA B 28 -1.22 19.79 18.71
N LYS B 29 -0.44 20.63 18.04
CA LYS B 29 -0.98 21.57 17.05
C LYS B 29 -0.51 21.12 15.68
N ALA B 30 -1.37 21.29 14.69
CA ALA B 30 -1.09 20.79 13.35
C ALA B 30 -1.52 21.80 12.30
N THR B 31 -1.42 21.36 11.05
CA THR B 31 -1.71 22.22 9.90
C THR B 31 -2.64 21.49 8.95
N PHE B 32 -3.69 22.19 8.51
CA PHE B 32 -4.69 21.61 7.64
C PHE B 32 -4.75 22.35 6.33
N PHE B 33 -4.72 21.62 5.22
CA PHE B 33 -4.83 22.24 3.90
C PHE B 33 -6.13 21.78 3.25
N LEU B 34 -7.05 22.73 3.10
CA LEU B 34 -8.43 22.40 2.79
C LEU B 34 -8.79 22.60 1.33
N ILE B 35 -9.73 21.79 0.86
CA ILE B 35 -10.30 21.93 -0.48
C ILE B 35 -11.62 22.70 -0.38
N GLY B 36 -11.81 23.66 -1.29
CA GLY B 36 -12.94 24.59 -1.23
C GLY B 36 -14.31 23.96 -1.07
N ALA B 37 -14.58 22.90 -1.82
CA ALA B 37 -15.88 22.23 -1.73
C ALA B 37 -16.14 21.74 -0.31
N ASN B 38 -15.09 21.26 0.33
CA ASN B 38 -15.21 20.73 1.68
C ASN B 38 -15.31 21.83 2.72
N VAL B 39 -14.70 22.97 2.43
CA VAL B 39 -14.84 24.15 3.28
C VAL B 39 -16.31 24.55 3.31
N LYS B 40 -16.94 24.51 2.14
CA LYS B 40 -18.36 24.86 2.06
C LYS B 40 -19.26 23.82 2.74
N GLU B 41 -18.86 22.56 2.70
CA GLU B 41 -19.68 21.47 3.23
C GLU B 41 -19.52 21.30 4.74
N PHE B 42 -18.33 21.61 5.24
CA PHE B 42 -18.04 21.46 6.67
C PHE B 42 -17.51 22.73 7.32
N PRO B 43 -18.30 23.83 7.26
CA PRO B 43 -17.74 25.09 7.79
C PRO B 43 -17.48 25.06 9.30
N ASP B 44 -18.23 24.25 10.03
CA ASP B 44 -18.00 24.17 11.47
C ASP B 44 -16.66 23.52 11.79
N LEU B 45 -16.22 22.56 10.95
CA LEU B 45 -14.92 21.92 11.17
C LEU B 45 -13.79 22.89 10.84
N VAL B 46 -13.99 23.75 9.84
CA VAL B 46 -13.01 24.80 9.57
C VAL B 46 -12.87 25.74 10.78
N LYS B 47 -14.00 26.17 11.31
CA LYS B 47 -14.02 27.00 12.51
C LYS B 47 -13.31 26.30 13.66
N ARG B 48 -13.60 25.01 13.84
CA ARG B 48 -13.02 24.28 14.95
C ARG B 48 -11.51 24.13 14.81
N GLU B 49 -11.04 23.84 13.59
CA GLU B 49 -9.58 23.74 13.37
C GLU B 49 -8.87 25.03 13.80
N ASN B 50 -9.38 26.17 13.35
CA ASN B 50 -8.76 27.42 13.71
C ASN B 50 -8.92 27.72 15.21
N ALA B 51 -10.09 27.42 15.76
CA ALA B 51 -10.35 27.71 17.17
C ALA B 51 -9.47 26.89 18.12
N GLU B 52 -9.00 25.74 17.65
CA GLU B 52 -8.20 24.88 18.52
C GLU B 52 -6.70 25.07 18.27
N GLY B 53 -6.35 26.14 17.57
CA GLY B 53 -4.96 26.55 17.44
C GLY B 53 -4.19 25.95 16.28
N HIS B 54 -4.87 25.33 15.33
CA HIS B 54 -4.21 24.76 14.18
C HIS B 54 -4.14 25.78 13.05
N TYR B 55 -3.17 25.61 12.18
CA TYR B 55 -3.11 26.47 11.02
C TYR B 55 -4.02 25.93 9.93
N VAL B 56 -4.81 26.82 9.34
CA VAL B 56 -5.70 26.44 8.24
C VAL B 56 -5.22 27.13 6.97
N GLY B 57 -4.81 26.32 5.99
CA GLY B 57 -4.39 26.85 4.71
C GLY B 57 -5.11 26.20 3.54
N MET B 58 -4.59 26.42 2.33
CA MET B 58 -5.35 26.12 1.11
C MET B 58 -4.81 24.95 0.32
N HIS B 59 -5.72 24.14 -0.24
CA HIS B 59 -5.33 23.00 -1.08
C HIS B 59 -6.10 23.01 -2.42
N SER B 60 -6.65 24.17 -2.78
CA SER B 60 -7.26 24.50 -4.09
C SER B 60 -8.77 24.24 -4.09
N MET B 61 -9.38 24.52 -5.24
CA MET B 61 -10.81 24.28 -5.46
C MET B 61 -11.07 22.96 -6.19
N THR B 62 -10.33 22.72 -7.26
CA THR B 62 -10.62 21.60 -8.17
C THR B 62 -9.76 20.36 -7.93
N HIS B 63 -8.59 20.56 -7.30
CA HIS B 63 -7.59 19.49 -7.13
C HIS B 63 -7.31 18.84 -8.51
N ASN B 64 -7.38 19.66 -9.56
CA ASN B 64 -7.21 19.14 -10.92
C ASN B 64 -5.90 19.61 -11.53
N PHE B 65 -5.02 18.66 -11.84
CA PHE B 65 -3.67 18.97 -12.33
C PHE B 65 -3.70 19.87 -13.56
N ALA B 66 -4.51 19.51 -14.55
CA ALA B 66 -4.55 20.26 -15.80
C ALA B 66 -5.01 21.71 -15.59
N LYS B 67 -6.05 21.88 -14.78
CA LYS B 67 -6.56 23.21 -14.49
C LYS B 67 -5.54 24.03 -13.70
N LEU B 68 -4.97 23.42 -12.68
CA LEU B 68 -4.05 24.11 -11.79
C LEU B 68 -2.74 24.48 -12.47
N TYR B 69 -2.17 23.55 -13.22
CA TYR B 69 -0.78 23.72 -13.68
C TYR B 69 -0.66 23.94 -15.18
N LYS B 70 -1.33 23.12 -15.98
CA LYS B 70 -1.31 23.33 -17.43
C LYS B 70 -2.03 24.61 -17.83
N ASN B 71 -3.21 24.84 -17.27
CA ASN B 71 -3.98 26.06 -17.54
C ASN B 71 -3.55 27.22 -16.64
N GLY B 72 -2.76 26.90 -15.61
CA GLY B 72 -2.17 27.91 -14.76
C GLY B 72 -3.14 28.62 -13.82
N GLU B 73 -4.19 27.92 -13.39
CA GLU B 73 -5.18 28.51 -12.49
CA GLU B 73 -5.18 28.52 -12.50
C GLU B 73 -4.82 28.39 -11.02
N TYR B 74 -3.64 27.86 -10.71
CA TYR B 74 -3.20 27.63 -9.33
C TYR B 74 -3.49 28.80 -8.40
N VAL B 75 -2.99 29.99 -8.75
CA VAL B 75 -3.13 31.12 -7.85
C VAL B 75 -4.59 31.57 -7.74
N ASN B 76 -5.33 31.58 -8.84
CA ASN B 76 -6.75 31.93 -8.76
C ASN B 76 -7.53 30.98 -7.85
N GLU B 77 -7.21 29.69 -7.92
CA GLU B 77 -7.92 28.73 -7.10
C GLU B 77 -7.57 28.91 -5.64
N MET B 78 -6.31 29.22 -5.37
CA MET B 78 -5.88 29.38 -3.98
C MET B 78 -6.50 30.64 -3.41
N LYS B 79 -6.68 31.68 -4.25
CA LYS B 79 -7.32 32.91 -3.82
CA LYS B 79 -7.32 32.91 -3.82
C LYS B 79 -8.79 32.66 -3.48
N GLU B 80 -9.46 31.86 -4.32
CA GLU B 80 -10.87 31.52 -4.10
C GLU B 80 -11.04 30.74 -2.81
N ASP B 81 -10.16 29.76 -2.61
CA ASP B 81 -10.18 28.93 -1.41
C ASP B 81 -9.92 29.79 -0.18
N GLN B 82 -8.94 30.69 -0.30
CA GLN B 82 -8.58 31.60 0.78
C GLN B 82 -9.78 32.43 1.23
N GLY B 83 -10.58 32.90 0.27
CA GLY B 83 -11.74 33.72 0.60
C GLY B 83 -12.78 32.93 1.35
N LEU B 84 -12.98 31.67 0.95
CA LEU B 84 -13.96 30.81 1.62
C LEU B 84 -13.54 30.59 3.06
N ILE B 85 -12.26 30.34 3.27
CA ILE B 85 -11.74 30.13 4.62
C ILE B 85 -11.84 31.42 5.44
N ALA B 86 -11.49 32.55 4.85
CA ALA B 86 -11.53 33.83 5.55
C ALA B 86 -12.94 34.19 5.99
N ASN B 87 -13.92 33.79 5.20
CA ASN B 87 -15.32 34.06 5.55
C ASN B 87 -15.73 33.37 6.83
N ILE B 88 -15.02 32.30 7.18
CA ILE B 88 -15.33 31.53 8.38
C ILE B 88 -14.46 31.94 9.56
N ILE B 89 -13.16 32.10 9.33
CA ILE B 89 -12.25 32.27 10.46
C ILE B 89 -11.68 33.69 10.60
N GLY B 90 -12.03 34.57 9.66
CA GLY B 90 -11.66 35.98 9.79
C GLY B 90 -10.18 36.27 9.65
N LYS B 91 -9.48 35.35 8.99
CA LYS B 91 -8.08 35.51 8.64
C LYS B 91 -7.92 35.09 7.18
N SER B 92 -6.98 35.71 6.46
CA SER B 92 -6.66 35.29 5.10
C SER B 92 -5.30 34.60 5.09
N PRO B 93 -5.30 33.25 5.14
CA PRO B 93 -4.05 32.49 5.20
C PRO B 93 -3.20 32.66 3.95
N LYS B 94 -1.89 32.60 4.13
CA LYS B 94 -0.97 32.74 3.00
C LYS B 94 -0.41 31.40 2.51
N LEU B 95 -0.44 30.36 3.34
CA LEU B 95 0.24 29.13 2.95
C LEU B 95 -0.64 28.19 2.12
N THR B 96 -0.10 27.74 1.01
CA THR B 96 -0.76 26.76 0.14
C THR B 96 0.03 25.47 0.06
N ARG B 97 -0.69 24.38 -0.15
CA ARG B 97 -0.10 23.07 -0.36
C ARG B 97 -0.57 22.60 -1.73
N PRO B 98 0.36 22.40 -2.66
CA PRO B 98 -0.09 22.06 -4.02
C PRO B 98 -0.69 20.68 -4.12
N PRO B 99 -1.86 20.54 -4.74
CA PRO B 99 -2.29 19.20 -5.11
C PRO B 99 -1.20 18.49 -5.93
N TYR B 100 -0.90 17.23 -5.57
CA TYR B 100 0.12 16.38 -6.19
C TYR B 100 1.53 16.85 -5.88
N GLY B 101 1.66 17.86 -5.01
CA GLY B 101 2.95 18.46 -4.74
C GLY B 101 3.37 19.40 -5.86
N SER B 102 4.39 20.21 -5.59
CA SER B 102 4.78 21.25 -6.55
C SER B 102 5.53 20.73 -7.77
N MET B 103 5.99 19.49 -7.70
CA MET B 103 6.86 18.93 -8.74
C MET B 103 6.15 17.89 -9.59
N PRO B 104 6.02 18.12 -10.90
CA PRO B 104 6.52 19.21 -11.75
C PRO B 104 5.53 20.33 -12.04
N GLY B 105 4.32 20.26 -11.49
CA GLY B 105 3.26 21.18 -11.87
C GLY B 105 3.54 22.67 -11.72
N LEU B 106 4.13 23.06 -10.60
CA LEU B 106 4.37 24.48 -10.33
C LEU B 106 5.64 24.96 -11.00
N ASN B 107 5.53 25.22 -12.30
CA ASN B 107 6.67 25.71 -13.08
C ASN B 107 7.09 27.11 -12.62
N GLU B 108 8.21 27.61 -13.16
CA GLU B 108 8.78 28.85 -12.65
C GLU B 108 7.81 30.05 -12.78
N GLY B 109 7.08 30.12 -13.87
CA GLY B 109 6.11 31.19 -14.05
C GLY B 109 5.03 31.19 -12.98
N LEU B 110 4.57 30.00 -12.61
CA LEU B 110 3.57 29.91 -11.56
C LEU B 110 4.18 30.23 -10.19
N ARG B 111 5.41 29.79 -9.96
CA ARG B 111 6.07 30.09 -8.70
C ARG B 111 6.25 31.60 -8.56
N ASN B 112 6.57 32.25 -9.66
CA ASN B 112 6.65 33.71 -9.67
C ASN B 112 5.32 34.35 -9.28
N LYS B 113 4.23 33.82 -9.82
CA LYS B 113 2.90 34.37 -9.53
C LYS B 113 2.49 34.13 -8.08
N VAL B 114 2.89 32.98 -7.53
CA VAL B 114 2.68 32.70 -6.12
C VAL B 114 3.37 33.76 -5.27
N VAL B 115 4.65 33.99 -5.56
CA VAL B 115 5.46 34.92 -4.78
C VAL B 115 4.90 36.34 -4.91
N GLU B 116 4.56 36.73 -6.14
CA GLU B 116 4.01 38.04 -6.42
C GLU B 116 2.68 38.28 -5.71
N GLY B 117 1.88 37.22 -5.58
CA GLY B 117 0.60 37.32 -4.91
C GLY B 117 0.67 37.26 -3.39
N GLY B 118 1.87 37.07 -2.86
CA GLY B 118 2.06 37.03 -1.41
C GLY B 118 1.73 35.69 -0.79
N PHE B 119 1.62 34.66 -1.62
CA PHE B 119 1.39 33.31 -1.12
C PHE B 119 2.70 32.58 -0.85
N LYS B 120 2.62 31.53 -0.05
CA LYS B 120 3.73 30.62 0.17
C LYS B 120 3.31 29.21 -0.25
N VAL B 121 4.28 28.33 -0.43
CA VAL B 121 4.02 26.94 -0.83
C VAL B 121 4.79 26.00 0.07
N TRP B 122 4.10 25.02 0.63
CA TRP B 122 4.78 23.92 1.34
C TRP B 122 4.49 22.59 0.67
N ASP B 123 5.54 21.86 0.35
CA ASP B 123 5.45 20.44 0.06
C ASP B 123 5.64 19.71 1.38
N TRP B 124 6.44 18.66 1.41
CA TRP B 124 6.62 17.89 2.64
C TRP B 124 7.99 17.24 2.63
N THR B 125 8.43 16.76 3.79
CA THR B 125 9.67 16.01 3.90
C THR B 125 9.45 14.52 4.16
N ILE B 126 8.26 14.17 4.65
CA ILE B 126 7.90 12.75 4.86
C ILE B 126 6.51 12.52 4.27
N ASP B 127 6.41 11.55 3.38
CA ASP B 127 5.11 11.10 2.84
C ASP B 127 4.68 9.87 3.63
N SER B 128 3.59 10.00 4.38
CA SER B 128 3.10 8.89 5.16
C SER B 128 2.54 7.76 4.28
N LEU B 129 2.22 8.07 3.03
CA LEU B 129 1.58 7.15 2.07
C LEU B 129 0.23 6.66 2.58
N ASP B 130 -0.37 7.41 3.51
CA ASP B 130 -1.54 6.91 4.22
C ASP B 130 -2.72 6.51 3.32
N TRP B 131 -2.97 7.26 2.26
CA TRP B 131 -4.10 6.98 1.39
C TRP B 131 -4.01 5.64 0.64
N ARG B 132 -2.81 5.07 0.56
CA ARG B 132 -2.61 3.81 -0.16
C ARG B 132 -2.98 2.57 0.66
N TYR B 133 -3.19 2.75 1.97
CA TYR B 133 -3.45 1.62 2.86
C TYR B 133 -4.94 1.42 3.06
N ASN B 134 -5.67 1.35 1.96
CA ASN B 134 -7.14 1.32 2.04
C ASN B 134 -7.77 -0.04 1.76
N LYS B 135 -6.96 -1.09 1.75
CA LYS B 135 -7.50 -2.43 1.46
C LYS B 135 -7.21 -3.43 2.56
N MET B 136 -7.10 -2.93 3.79
CA MET B 136 -6.72 -3.76 4.92
CA MET B 136 -6.75 -3.76 4.92
C MET B 136 -7.39 -3.21 6.18
N PRO B 137 -7.41 -4.00 7.26
CA PRO B 137 -8.03 -3.48 8.48
C PRO B 137 -7.42 -2.15 8.93
N VAL B 138 -8.28 -1.29 9.49
CA VAL B 138 -7.88 0.08 9.79
C VAL B 138 -6.74 0.15 10.80
N ASP B 139 -6.77 -0.71 11.82
CA ASP B 139 -5.69 -0.69 12.82
C ASP B 139 -4.36 -1.19 12.24
N ALA B 140 -4.41 -2.18 11.37
CA ALA B 140 -3.19 -2.71 10.76
C ALA B 140 -2.57 -1.68 9.83
N ALA B 141 -3.44 -1.02 9.06
CA ALA B 141 -2.99 0.06 8.17
C ALA B 141 -2.39 1.17 8.99
N ALA B 142 -3.04 1.55 10.08
CA ALA B 142 -2.56 2.67 10.89
C ALA B 142 -1.18 2.37 11.44
N ALA B 143 -0.95 1.12 11.84
CA ALA B 143 0.35 0.75 12.39
C ALA B 143 1.46 0.89 11.34
N GLN B 144 1.16 0.52 10.11
CA GLN B 144 2.16 0.61 9.03
C GLN B 144 2.39 2.07 8.63
N ILE B 145 1.32 2.86 8.59
CA ILE B 145 1.45 4.29 8.32
C ILE B 145 2.30 4.97 9.40
N ALA B 146 2.06 4.62 10.66
CA ALA B 146 2.85 5.20 11.73
C ALA B 146 4.31 4.83 11.56
N GLN B 147 4.57 3.57 11.20
CA GLN B 147 5.94 3.13 10.95
C GLN B 147 6.60 3.97 9.84
N ASN B 148 5.86 4.26 8.78
CA ASN B 148 6.42 5.08 7.68
C ASN B 148 6.91 6.42 8.20
N VAL B 149 6.14 7.01 9.09
CA VAL B 149 6.47 8.34 9.58
C VAL B 149 7.60 8.25 10.60
N LEU B 150 7.45 7.36 11.57
CA LEU B 150 8.44 7.24 12.64
C LEU B 150 9.85 6.90 12.13
N THR B 151 9.95 5.99 11.16
CA THR B 151 11.27 5.55 10.70
C THR B 151 11.95 6.56 9.79
N ASN B 152 11.20 7.55 9.32
CA ASN B 152 11.80 8.56 8.42
C ASN B 152 12.01 9.92 9.06
N ALA B 153 11.67 10.06 10.34
CA ALA B 153 11.82 11.32 11.05
C ALA B 153 13.22 11.44 11.62
N THR B 154 14.10 12.16 10.92
CA THR B 154 15.49 12.24 11.30
C THR B 154 16.05 13.65 11.34
N LYS B 155 15.31 14.61 10.78
CA LYS B 155 15.78 15.99 10.70
C LYS B 155 15.17 16.88 11.80
N PRO B 156 15.82 18.00 12.12
CA PRO B 156 15.31 18.94 13.13
C PRO B 156 13.91 19.51 12.81
N GLN B 157 13.56 19.71 11.54
CA GLN B 157 12.19 20.02 11.16
C GLN B 157 11.73 18.98 10.16
N GLU B 158 10.59 18.35 10.44
CA GLU B 158 9.98 17.42 9.51
C GLU B 158 8.57 17.90 9.22
N VAL B 159 8.20 17.90 7.94
CA VAL B 159 6.86 18.25 7.53
C VAL B 159 6.23 16.97 6.98
N ILE B 160 5.19 16.49 7.66
CA ILE B 160 4.62 15.17 7.36
C ILE B 160 3.32 15.26 6.60
N LEU B 161 3.25 14.60 5.44
CA LEU B 161 2.04 14.61 4.61
C LEU B 161 1.10 13.49 5.03
N MET B 162 -0.09 13.89 5.48
CA MET B 162 -1.19 12.95 5.75
C MET B 162 -2.47 13.50 5.13
N HIS B 163 -3.52 12.68 5.14
CA HIS B 163 -4.82 13.07 4.59
C HIS B 163 -5.89 12.71 5.61
N ASP B 164 -6.56 13.71 6.21
CA ASP B 164 -7.50 13.38 7.27
C ASP B 164 -8.84 12.83 6.77
N ILE B 165 -9.00 12.74 5.45
CA ILE B 165 -10.23 12.21 4.86
C ILE B 165 -10.23 10.69 4.74
N HIS B 166 -9.25 10.00 5.32
CA HIS B 166 -9.25 8.55 5.36
C HIS B 166 -9.16 8.04 6.79
N PRO B 167 -9.90 6.97 7.12
CA PRO B 167 -9.96 6.54 8.52
C PRO B 167 -8.63 5.98 9.04
N GLN B 168 -7.86 5.29 8.19
CA GLN B 168 -6.59 4.71 8.63
C GLN B 168 -5.57 5.80 8.92
N SER B 169 -5.74 6.96 8.29
CA SER B 169 -4.86 8.10 8.53
CA SER B 169 -4.86 8.09 8.53
C SER B 169 -5.05 8.62 9.94
N VAL B 170 -6.31 8.92 10.27
CA VAL B 170 -6.62 9.43 11.59
C VAL B 170 -6.24 8.40 12.68
N ALA B 171 -6.43 7.11 12.37
CA ALA B 171 -6.11 6.06 13.34
C ALA B 171 -4.61 5.96 13.63
N ALA B 172 -3.78 6.42 12.69
CA ALA B 172 -2.32 6.34 12.83
C ALA B 172 -1.76 7.43 13.71
N VAL B 173 -2.52 8.50 13.89
CA VAL B 173 -1.98 9.70 14.55
C VAL B 173 -1.56 9.46 16.02
N PRO B 174 -2.34 8.69 16.82
CA PRO B 174 -1.85 8.50 18.19
C PRO B 174 -0.44 7.90 18.28
N ALA B 175 -0.15 6.89 17.47
CA ALA B 175 1.18 6.27 17.51
C ALA B 175 2.25 7.22 16.98
N ILE B 176 1.91 8.03 15.99
CA ILE B 176 2.84 9.03 15.49
C ILE B 176 3.15 10.07 16.57
N LEU B 177 2.12 10.55 17.25
CA LEU B 177 2.32 11.54 18.31
C LEU B 177 3.23 11.00 19.41
N LYS B 178 2.96 9.78 19.86
CA LYS B 178 3.72 9.20 20.94
C LYS B 178 5.17 8.96 20.53
N GLY B 179 5.34 8.40 19.32
CA GLY B 179 6.65 8.02 18.87
C GLY B 179 7.55 9.21 18.57
N LEU B 180 7.01 10.25 17.93
CA LEU B 180 7.86 11.39 17.63
C LEU B 180 8.16 12.19 18.89
N LYS B 181 7.25 12.19 19.87
CA LYS B 181 7.57 12.83 21.14
C LYS B 181 8.79 12.16 21.78
N GLU B 182 8.83 10.83 21.71
CA GLU B 182 9.94 10.09 22.28
C GLU B 182 11.24 10.37 21.53
N LYS B 183 11.11 10.78 20.27
CA LYS B 183 12.30 11.11 19.49
C LYS B 183 12.66 12.59 19.63
N GLY B 184 11.98 13.28 20.53
CA GLY B 184 12.33 14.65 20.87
C GLY B 184 11.63 15.75 20.09
N TYR B 185 10.62 15.40 19.31
CA TYR B 185 9.86 16.40 18.54
C TYR B 185 8.74 17.06 19.35
N GLU B 186 8.56 18.36 19.13
CA GLU B 186 7.34 19.06 19.53
C GLU B 186 6.44 19.11 18.32
N PHE B 187 5.11 19.00 18.52
CA PHE B 187 4.17 19.14 17.41
C PHE B 187 3.56 20.54 17.34
N GLU B 188 3.94 21.28 16.30
CA GLU B 188 3.50 22.66 16.12
C GLU B 188 2.77 22.88 14.81
N ALA B 189 1.93 23.89 14.83
CA ALA B 189 1.29 24.37 13.61
C ALA B 189 2.27 25.23 12.85
N TYR B 190 2.07 25.35 11.55
CA TYR B 190 2.77 26.36 10.77
C TYR B 190 2.45 27.73 11.35
N HIS B 191 3.46 28.59 11.41
CA HIS B 191 3.24 29.98 11.79
C HIS B 191 3.76 30.89 10.69
N GLU B 192 2.89 31.76 10.17
CA GLU B 192 3.24 32.62 9.04
C GLU B 192 4.45 33.51 9.31
N GLU B 193 4.61 33.97 10.55
CA GLU B 193 5.70 34.87 10.89
C GLU B 193 7.03 34.12 11.04
N SER B 194 6.97 32.79 10.95
CA SER B 194 8.15 31.96 11.09
C SER B 194 8.35 31.05 9.89
N HIS B 195 8.04 31.56 8.69
CA HIS B 195 8.14 30.75 7.49
C HIS B 195 9.57 30.31 7.24
N PHE B 196 9.72 29.06 6.82
CA PHE B 196 10.95 28.59 6.18
C PHE B 196 10.56 27.75 4.98
N PRO B 197 11.40 27.77 3.94
CA PRO B 197 11.00 27.09 2.71
C PRO B 197 11.06 25.56 2.83
N VAL B 198 10.01 24.92 2.33
CA VAL B 198 9.92 23.47 2.20
C VAL B 198 9.25 23.17 0.86
N ASN B 199 10.04 23.00 -0.20
CA ASN B 199 9.45 22.67 -1.49
C ASN B 199 10.43 21.93 -2.38
N PHE B 200 9.85 21.13 -3.28
CA PHE B 200 10.61 20.20 -4.12
C PHE B 200 11.45 20.90 -5.18
N TRP B 201 11.20 22.19 -5.40
CA TRP B 201 11.98 22.94 -6.38
C TRP B 201 13.22 23.55 -5.77
N HIS B 202 13.34 23.46 -4.45
CA HIS B 202 14.37 24.17 -3.70
C HIS B 202 14.32 25.67 -4.04
N ASP B 203 13.10 26.18 -4.24
CA ASP B 203 12.89 27.60 -4.50
C ASP B 203 12.76 28.32 -3.16
N ASN B 204 13.78 29.08 -2.79
CA ASN B 204 13.81 29.65 -1.44
C ASN B 204 12.93 30.89 -1.29
N ARG B 205 12.24 31.28 -2.37
CA ARG B 205 11.37 32.47 -2.31
C ARG B 205 9.94 32.18 -1.84
N MET B 206 9.53 30.92 -1.88
CA MET B 206 8.14 30.63 -1.53
C MET B 206 8.03 29.72 -0.30
N ARG C 1 39.97 2.73 7.75
CA ARG C 1 39.83 2.93 6.31
C ARG C 1 38.46 3.47 5.94
N LYS C 2 38.42 4.68 5.38
CA LYS C 2 37.18 5.31 5.00
C LYS C 2 37.32 5.95 3.62
N VAL C 3 36.26 5.86 2.81
CA VAL C 3 36.28 6.47 1.49
C VAL C 3 35.16 7.49 1.37
N ALA C 4 35.52 8.70 0.92
CA ALA C 4 34.53 9.71 0.63
C ALA C 4 34.43 9.86 -0.88
N TYR C 5 33.21 9.73 -1.39
CA TYR C 5 32.93 9.94 -2.79
C TYR C 5 32.28 11.30 -2.95
N LEU C 6 33.08 12.31 -3.28
CA LEU C 6 32.52 13.60 -3.63
C LEU C 6 31.88 13.47 -5.00
N THR C 7 30.63 13.89 -5.11
CA THR C 7 29.93 13.84 -6.38
C THR C 7 29.43 15.22 -6.69
N PHE C 8 29.62 15.62 -7.94
CA PHE C 8 29.27 16.95 -8.39
C PHE C 8 28.27 16.89 -9.53
N ASP C 9 27.09 17.42 -9.28
CA ASP C 9 25.99 17.38 -10.23
C ASP C 9 25.85 18.66 -11.04
N ASP C 10 25.25 18.50 -12.23
CA ASP C 10 24.65 19.55 -13.07
C ASP C 10 25.65 20.25 -13.98
N GLY C 11 26.91 19.83 -13.97
CA GLY C 11 27.96 20.45 -14.77
C GLY C 11 28.12 19.89 -16.18
N PRO C 12 29.23 20.25 -16.86
CA PRO C 12 30.27 21.17 -16.37
C PRO C 12 29.81 22.62 -16.41
N GLY C 13 30.63 23.50 -15.85
CA GLY C 13 30.31 24.91 -15.86
C GLY C 13 31.54 25.76 -15.64
N LYS C 14 31.29 27.04 -15.34
CA LYS C 14 32.36 28.02 -15.29
C LYS C 14 33.27 27.89 -14.06
N TYR C 15 32.89 27.04 -13.11
CA TYR C 15 33.71 26.84 -11.91
C TYR C 15 34.42 25.50 -11.91
N THR C 16 34.17 24.70 -12.94
CA THR C 16 34.67 23.32 -12.97
C THR C 16 36.19 23.24 -13.14
N ALA C 17 36.76 24.10 -13.98
CA ALA C 17 38.21 24.09 -14.16
C ALA C 17 38.91 24.34 -12.83
N GLU C 18 38.42 25.32 -12.08
CA GLU C 18 39.00 25.64 -10.78
C GLU C 18 38.84 24.48 -9.81
N LEU C 19 37.68 23.84 -9.82
CA LEU C 19 37.45 22.72 -8.94
C LEU C 19 38.42 21.58 -9.24
N LEU C 20 38.66 21.31 -10.52
CA LEU C 20 39.59 20.26 -10.92
C LEU C 20 41.01 20.56 -10.42
N ASN C 21 41.39 21.83 -10.46
CA ASN C 21 42.70 22.23 -9.96
C ASN C 21 42.83 21.99 -8.46
N THR C 22 41.75 22.30 -7.73
CA THR C 22 41.72 22.12 -6.29
C THR C 22 41.82 20.65 -5.92
N LEU C 23 41.07 19.82 -6.62
CA LEU C 23 41.13 18.38 -6.40
C LEU C 23 42.53 17.83 -6.67
N LYS C 24 43.15 18.28 -7.76
CA LYS C 24 44.49 17.83 -8.08
C LYS C 24 45.50 18.26 -7.02
N GLN C 25 45.36 19.46 -6.50
CA GLN C 25 46.23 19.98 -5.45
C GLN C 25 46.23 19.10 -4.20
N HIS C 26 45.07 18.51 -3.89
CA HIS C 26 44.91 17.68 -2.71
C HIS C 26 44.96 16.18 -3.03
N ASP C 27 45.35 15.87 -4.26
CA ASP C 27 45.36 14.50 -4.80
C ASP C 27 44.06 13.78 -4.50
N ALA C 28 42.94 14.47 -4.75
CA ALA C 28 41.62 13.91 -4.54
C ALA C 28 41.00 13.51 -5.86
N LYS C 29 40.30 12.37 -5.88
CA LYS C 29 39.54 11.97 -7.04
C LYS C 29 38.06 12.02 -6.73
N ALA C 30 37.26 12.41 -7.71
CA ALA C 30 35.84 12.63 -7.50
C ALA C 30 35.00 12.08 -8.66
N THR C 31 33.70 12.33 -8.56
CA THR C 31 32.74 11.83 -9.52
C THR C 31 31.89 12.99 -10.03
N PHE C 32 31.72 13.07 -11.35
CA PHE C 32 30.95 14.15 -11.96
C PHE C 32 29.75 13.58 -12.71
N PHE C 33 28.57 14.14 -12.44
CA PHE C 33 27.36 13.73 -13.14
C PHE C 33 26.89 14.88 -14.01
N LEU C 34 27.04 14.69 -15.32
CA LEU C 34 26.94 15.79 -16.27
C LEU C 34 25.60 15.88 -16.98
N ILE C 35 25.14 17.10 -17.20
CA ILE C 35 23.95 17.33 -17.99
C ILE C 35 24.35 17.49 -19.46
N GLY C 36 23.64 16.78 -20.34
CA GLY C 36 23.99 16.74 -21.76
C GLY C 36 24.15 18.09 -22.42
N ALA C 37 23.27 19.02 -22.08
CA ALA C 37 23.36 20.37 -22.64
C ALA C 37 24.69 21.03 -22.26
N ASN C 38 25.19 20.73 -21.07
CA ASN C 38 26.44 21.31 -20.61
C ASN C 38 27.66 20.58 -21.13
N VAL C 39 27.53 19.29 -21.40
CA VAL C 39 28.56 18.54 -22.09
C VAL C 39 28.84 19.18 -23.46
N LYS C 40 27.76 19.63 -24.09
CA LYS C 40 27.86 20.27 -25.42
C LYS C 40 28.57 21.63 -25.37
N GLU C 41 28.38 22.34 -24.26
CA GLU C 41 28.97 23.66 -24.11
C GLU C 41 30.43 23.59 -23.63
N PHE C 42 30.79 22.54 -22.91
CA PHE C 42 32.11 22.45 -22.30
C PHE C 42 32.85 21.14 -22.60
N PRO C 43 33.07 20.81 -23.89
CA PRO C 43 33.66 19.51 -24.18
C PRO C 43 35.07 19.32 -23.59
N ASP C 44 35.84 20.40 -23.51
CA ASP C 44 37.18 20.32 -22.94
C ASP C 44 37.18 19.94 -21.46
N LEU C 45 36.17 20.39 -20.73
CA LEU C 45 36.07 20.09 -19.31
C LEU C 45 35.70 18.63 -19.09
N VAL C 46 34.87 18.10 -19.97
CA VAL C 46 34.55 16.68 -19.91
C VAL C 46 35.82 15.85 -20.13
N LYS C 47 36.64 16.25 -21.09
CA LYS C 47 37.88 15.55 -21.35
C LYS C 47 38.80 15.61 -20.13
N ARG C 48 38.92 16.80 -19.55
CA ARG C 48 39.78 17.01 -18.39
C ARG C 48 39.35 16.16 -17.21
N GLU C 49 38.05 16.06 -17.00
CA GLU C 49 37.56 15.29 -15.85
C GLU C 49 38.02 13.84 -15.95
N ASN C 50 37.90 13.25 -17.13
CA ASN C 50 38.29 11.86 -17.29
C ASN C 50 39.81 11.72 -17.27
N ALA C 51 40.49 12.65 -17.94
CA ALA C 51 41.94 12.60 -18.06
C ALA C 51 42.62 12.70 -16.69
N GLU C 52 41.99 13.37 -15.74
CA GLU C 52 42.63 13.58 -14.45
C GLU C 52 42.12 12.61 -13.36
N GLY C 53 41.50 11.51 -13.79
CA GLY C 53 41.24 10.39 -12.92
C GLY C 53 39.90 10.39 -12.22
N HIS C 54 39.01 11.28 -12.66
CA HIS C 54 37.67 11.35 -12.07
C HIS C 54 36.69 10.50 -12.85
N TYR C 55 35.63 10.06 -12.19
CA TYR C 55 34.59 9.34 -12.92
C TYR C 55 33.63 10.33 -13.52
N VAL C 56 33.27 10.09 -14.78
CA VAL C 56 32.29 10.92 -15.45
C VAL C 56 31.05 10.10 -15.75
N GLY C 57 29.92 10.47 -15.14
CA GLY C 57 28.66 9.81 -15.40
C GLY C 57 27.57 10.76 -15.89
N MET C 58 26.33 10.26 -15.91
CA MET C 58 25.24 10.98 -16.57
C MET C 58 24.21 11.54 -15.59
N HIS C 59 23.73 12.75 -15.88
CA HIS C 59 22.70 13.41 -15.09
C HIS C 59 21.55 13.89 -15.99
N SER C 60 21.44 13.26 -17.18
CA SER C 60 20.35 13.42 -18.16
C SER C 60 20.63 14.55 -19.17
N MET C 61 19.72 14.69 -20.14
CA MET C 61 19.84 15.72 -21.17
C MET C 61 19.14 17.01 -20.78
N THR C 62 17.93 16.87 -20.21
CA THR C 62 17.07 18.03 -19.95
C THR C 62 16.91 18.41 -18.49
N HIS C 63 17.20 17.46 -17.59
CA HIS C 63 16.95 17.62 -16.15
C HIS C 63 15.47 18.00 -15.91
N ASN C 64 14.59 17.50 -16.77
CA ASN C 64 13.17 17.83 -16.72
C ASN C 64 12.38 16.68 -16.09
N PHE C 65 11.86 16.91 -14.88
CA PHE C 65 11.18 15.88 -14.13
C PHE C 65 10.02 15.25 -14.92
N ALA C 66 9.21 16.09 -15.55
CA ALA C 66 8.07 15.58 -16.29
C ALA C 66 8.51 14.70 -17.46
N LYS C 67 9.52 15.13 -18.18
CA LYS C 67 10.03 14.35 -19.30
C LYS C 67 10.63 13.02 -18.81
N LEU C 68 11.51 13.09 -17.81
CA LEU C 68 12.22 11.91 -17.33
C LEU C 68 11.33 10.86 -16.72
N TYR C 69 10.37 11.29 -15.89
CA TYR C 69 9.67 10.35 -15.02
C TYR C 69 8.21 10.18 -15.41
N LYS C 70 7.49 11.29 -15.60
CA LYS C 70 6.09 11.18 -16.02
C LYS C 70 5.99 10.61 -17.42
N ASN C 71 6.83 11.10 -18.33
CA ASN C 71 6.81 10.63 -19.72
C ASN C 71 7.77 9.45 -19.94
N GLY C 72 8.55 9.10 -18.92
CA GLY C 72 9.40 7.93 -18.97
C GLY C 72 10.62 8.01 -19.87
N GLU C 73 11.14 9.21 -20.10
CA GLU C 73 12.28 9.36 -20.99
C GLU C 73 13.64 9.17 -20.31
N TYR C 74 13.65 8.74 -19.04
CA TYR C 74 14.89 8.63 -18.27
C TYR C 74 15.98 7.85 -18.99
N VAL C 75 15.65 6.65 -19.47
CA VAL C 75 16.67 5.82 -20.10
C VAL C 75 17.11 6.41 -21.43
N ASN C 76 16.17 6.89 -22.23
CA ASN C 76 16.52 7.53 -23.50
C ASN C 76 17.48 8.70 -23.29
N GLU C 77 17.23 9.49 -22.26
CA GLU C 77 18.06 10.66 -22.00
C GLU C 77 19.44 10.26 -21.49
N MET C 78 19.49 9.26 -20.61
CA MET C 78 20.77 8.79 -20.10
C MET C 78 21.62 8.16 -21.22
N LYS C 79 20.98 7.49 -22.17
CA LYS C 79 21.70 6.90 -23.30
C LYS C 79 22.24 7.98 -24.22
N GLU C 80 21.46 9.02 -24.45
CA GLU C 80 21.93 10.11 -25.30
C GLU C 80 23.13 10.82 -24.67
N ASP C 81 23.01 11.11 -23.38
CA ASP C 81 24.06 11.76 -22.60
C ASP C 81 25.32 10.89 -22.57
N GLN C 82 25.12 9.59 -22.37
CA GLN C 82 26.21 8.62 -22.41
C GLN C 82 27.01 8.71 -23.71
N GLY C 83 26.29 8.80 -24.83
CA GLY C 83 26.93 8.86 -26.13
C GLY C 83 27.78 10.11 -26.31
N LEU C 84 27.26 11.23 -25.83
CA LEU C 84 27.97 12.50 -25.95
C LEU C 84 29.25 12.47 -25.13
N ILE C 85 29.16 11.90 -23.94
CA ILE C 85 30.32 11.74 -23.09
C ILE C 85 31.31 10.75 -23.70
N ALA C 86 30.81 9.65 -24.25
CA ALA C 86 31.66 8.63 -24.85
C ALA C 86 32.46 9.16 -26.03
N ASN C 87 31.87 10.09 -26.79
CA ASN C 87 32.57 10.69 -27.91
C ASN C 87 33.84 11.39 -27.45
N ILE C 88 33.74 12.00 -26.27
CA ILE C 88 34.82 12.80 -25.73
C ILE C 88 35.87 11.97 -24.99
N ILE C 89 35.43 11.06 -24.12
CA ILE C 89 36.37 10.33 -23.28
C ILE C 89 36.65 8.89 -23.76
N GLY C 90 35.95 8.44 -24.79
CA GLY C 90 36.28 7.17 -25.44
C GLY C 90 35.84 5.95 -24.66
N LYS C 91 34.84 6.14 -23.81
CA LYS C 91 34.37 5.14 -22.87
C LYS C 91 32.89 5.41 -22.64
N SER C 92 32.07 4.36 -22.53
CA SER C 92 30.64 4.57 -22.25
C SER C 92 30.35 4.35 -20.78
N PRO C 93 30.11 5.43 -20.01
CA PRO C 93 29.87 5.24 -18.59
C PRO C 93 28.54 4.55 -18.32
N LYS C 94 28.44 3.83 -17.20
CA LYS C 94 27.20 3.14 -16.86
C LYS C 94 26.42 3.80 -15.70
N LEU C 95 27.07 4.66 -14.92
CA LEU C 95 26.41 5.18 -13.72
C LEU C 95 25.65 6.48 -13.98
N THR C 96 24.40 6.48 -13.58
CA THR C 96 23.56 7.64 -13.67
C THR C 96 23.21 8.15 -12.27
N ARG C 97 22.97 9.45 -12.20
CA ARG C 97 22.48 10.12 -11.00
C ARG C 97 21.16 10.76 -11.38
N PRO C 98 20.05 10.34 -10.77
CA PRO C 98 18.75 10.86 -11.21
C PRO C 98 18.54 12.30 -10.81
N PRO C 99 18.17 13.17 -11.75
CA PRO C 99 17.71 14.49 -11.34
C PRO C 99 16.59 14.36 -10.31
N TYR C 100 16.67 15.15 -9.25
CA TYR C 100 15.70 15.14 -8.13
C TYR C 100 15.75 13.86 -7.29
N GLY C 101 16.75 13.01 -7.52
CA GLY C 101 16.89 11.73 -6.84
C GLY C 101 15.94 10.67 -7.37
N SER C 102 16.18 9.42 -6.98
CA SER C 102 15.46 8.30 -7.59
C SER C 102 14.03 8.12 -7.09
N MET C 103 13.74 8.72 -5.93
CA MET C 103 12.46 8.54 -5.26
CA MET C 103 12.44 8.54 -5.30
C MET C 103 11.65 9.84 -5.23
N PRO C 104 10.41 9.83 -5.74
CA PRO C 104 9.66 8.70 -6.29
C PRO C 104 9.76 8.56 -7.81
N GLY C 105 10.56 9.40 -8.47
CA GLY C 105 10.54 9.47 -9.91
C GLY C 105 10.79 8.15 -10.62
N LEU C 106 11.82 7.42 -10.20
CA LEU C 106 12.13 6.14 -10.84
C LEU C 106 11.23 5.05 -10.30
N ASN C 107 10.01 5.00 -10.84
CA ASN C 107 9.03 4.01 -10.43
C ASN C 107 9.48 2.60 -10.83
N GLU C 108 8.75 1.59 -10.39
CA GLU C 108 9.13 0.20 -10.61
C GLU C 108 9.42 -0.12 -12.08
N GLY C 109 8.52 0.29 -12.97
CA GLY C 109 8.72 0.10 -14.40
C GLY C 109 9.97 0.76 -14.95
N LEU C 110 10.25 1.99 -14.52
CA LEU C 110 11.45 2.66 -15.01
C LEU C 110 12.72 2.02 -14.49
N ARG C 111 12.71 1.60 -13.23
CA ARG C 111 13.88 0.91 -12.68
C ARG C 111 14.21 -0.36 -13.44
N ASN C 112 13.18 -1.08 -13.88
CA ASN C 112 13.39 -2.24 -14.75
C ASN C 112 14.07 -1.82 -16.05
N LYS C 113 13.56 -0.75 -16.67
CA LYS C 113 14.12 -0.25 -17.92
C LYS C 113 15.58 0.18 -17.74
N VAL C 114 15.86 0.78 -16.59
CA VAL C 114 17.22 1.22 -16.27
C VAL C 114 18.19 0.03 -16.23
N VAL C 115 17.83 -1.01 -15.50
CA VAL C 115 18.68 -2.19 -15.40
C VAL C 115 18.82 -2.91 -16.75
N GLU C 116 17.72 -3.00 -17.49
CA GLU C 116 17.73 -3.62 -18.81
C GLU C 116 18.62 -2.86 -19.80
N GLY C 117 18.69 -1.54 -19.63
CA GLY C 117 19.51 -0.70 -20.47
C GLY C 117 20.98 -0.74 -20.12
N GLY C 118 21.31 -1.46 -19.04
CA GLY C 118 22.69 -1.61 -18.63
C GLY C 118 23.22 -0.47 -17.75
N PHE C 119 22.31 0.28 -17.14
CA PHE C 119 22.71 1.41 -16.31
C PHE C 119 22.64 1.08 -14.83
N LYS C 120 23.42 1.84 -14.05
CA LYS C 120 23.33 1.84 -12.59
C LYS C 120 22.82 3.20 -12.14
N VAL C 121 22.35 3.27 -10.91
CA VAL C 121 21.81 4.50 -10.33
C VAL C 121 22.46 4.78 -8.99
N TRP C 122 23.01 5.98 -8.82
CA TRP C 122 23.45 6.43 -7.50
C TRP C 122 22.68 7.65 -7.04
N ASP C 123 22.12 7.55 -5.84
CA ASP C 123 21.68 8.73 -5.10
C ASP C 123 22.87 9.18 -4.24
N TRP C 124 22.65 9.46 -2.96
CA TRP C 124 23.72 9.99 -2.10
C TRP C 124 23.42 9.66 -0.65
N THR C 125 24.43 9.81 0.21
CA THR C 125 24.23 9.55 1.65
C THR C 125 24.30 10.84 2.46
N ILE C 126 24.96 11.86 1.91
CA ILE C 126 25.05 13.17 2.54
C ILE C 126 24.65 14.25 1.55
N ASP C 127 23.61 15.02 1.89
CA ASP C 127 23.25 16.22 1.13
C ASP C 127 23.99 17.43 1.71
N SER C 128 24.84 18.07 0.92
CA SER C 128 25.59 19.23 1.38
C SER C 128 24.68 20.42 1.67
N LEU C 129 23.46 20.37 1.12
CA LEU C 129 22.47 21.42 1.25
C LEU C 129 22.95 22.72 0.61
N ASP C 130 23.81 22.61 -0.40
CA ASP C 130 24.35 23.83 -1.01
C ASP C 130 23.26 24.69 -1.67
N TRP C 131 22.10 24.09 -1.91
CA TRP C 131 20.98 24.80 -2.54
C TRP C 131 20.29 25.78 -1.58
N ARG C 132 20.58 25.63 -0.29
CA ARG C 132 19.94 26.46 0.73
C ARG C 132 20.50 27.87 0.80
N TYR C 133 21.74 28.04 0.36
CA TYR C 133 22.43 29.30 0.57
C TYR C 133 22.74 30.03 -0.75
N ASN C 134 21.96 29.70 -1.78
CA ASN C 134 22.08 30.36 -3.07
C ASN C 134 21.82 31.86 -2.94
N LYS C 135 22.77 32.65 -3.44
CA LYS C 135 22.73 34.11 -3.39
C LYS C 135 22.77 34.61 -1.94
N MET C 136 23.88 34.30 -1.27
CA MET C 136 24.20 34.79 0.07
C MET C 136 25.72 34.91 0.13
N PRO C 137 26.28 35.60 1.16
CA PRO C 137 27.74 35.76 1.20
C PRO C 137 28.49 34.44 1.02
N VAL C 138 29.25 34.35 -0.07
CA VAL C 138 29.83 33.08 -0.52
C VAL C 138 30.70 32.41 0.52
N ASP C 139 31.51 33.19 1.23
CA ASP C 139 32.41 32.61 2.21
C ASP C 139 31.65 32.02 3.39
N ALA C 140 30.60 32.72 3.83
CA ALA C 140 29.78 32.23 4.93
C ALA C 140 28.96 31.02 4.49
N ALA C 141 28.42 31.08 3.28
CA ALA C 141 27.67 29.97 2.72
C ALA C 141 28.56 28.73 2.62
N ALA C 142 29.77 28.93 2.11
CA ALA C 142 30.72 27.84 1.94
C ALA C 142 31.08 27.19 3.28
N ALA C 143 31.24 28.02 4.32
CA ALA C 143 31.60 27.50 5.62
C ALA C 143 30.47 26.62 6.17
N GLN C 144 29.24 27.04 5.95
CA GLN C 144 28.09 26.27 6.42
C GLN C 144 27.97 24.95 5.65
N ILE C 145 28.16 25.04 4.33
CA ILE C 145 28.11 23.87 3.48
C ILE C 145 29.15 22.84 3.90
N ALA C 146 30.37 23.31 4.15
CA ALA C 146 31.41 22.42 4.65
C ALA C 146 31.00 21.78 5.97
N GLN C 147 30.46 22.58 6.87
CA GLN C 147 29.97 22.10 8.16
C GLN C 147 28.91 21.02 7.98
N ASN C 148 28.00 21.24 7.03
CA ASN C 148 26.96 20.27 6.76
C ASN C 148 27.54 18.91 6.38
N VAL C 149 28.60 18.92 5.59
CA VAL C 149 29.21 17.68 5.15
C VAL C 149 30.03 17.04 6.27
N LEU C 150 30.90 17.82 6.90
CA LEU C 150 31.79 17.33 7.95
C LEU C 150 31.03 16.72 9.14
N THR C 151 29.93 17.37 9.53
CA THR C 151 29.13 16.93 10.68
C THR C 151 28.43 15.60 10.42
N ASN C 152 28.12 15.32 9.15
CA ASN C 152 27.34 14.14 8.81
C ASN C 152 28.16 12.98 8.29
N ALA C 153 29.48 13.14 8.25
CA ALA C 153 30.36 12.07 7.78
C ALA C 153 30.59 11.07 8.91
N THR C 154 29.93 9.93 8.84
CA THR C 154 29.94 8.96 9.94
C THR C 154 30.18 7.53 9.47
N LYS C 155 30.05 7.30 8.17
CA LYS C 155 30.11 5.95 7.61
C LYS C 155 31.44 5.69 6.91
N PRO C 156 31.84 4.41 6.82
CA PRO C 156 33.08 4.04 6.12
C PRO C 156 33.05 4.43 4.63
N GLN C 157 31.85 4.49 4.05
CA GLN C 157 31.69 5.01 2.70
C GLN C 157 30.62 6.08 2.70
N GLU C 158 30.96 7.28 2.26
CA GLU C 158 29.98 8.34 2.15
C GLU C 158 29.93 8.84 0.72
N VAL C 159 28.72 9.06 0.22
CA VAL C 159 28.53 9.63 -1.11
C VAL C 159 27.94 11.02 -0.92
N ILE C 160 28.71 12.05 -1.26
CA ILE C 160 28.34 13.41 -0.89
C ILE C 160 27.81 14.15 -2.10
N LEU C 161 26.59 14.68 -1.99
CA LEU C 161 25.97 15.44 -3.09
C LEU C 161 26.39 16.90 -3.06
N MET C 162 27.07 17.35 -4.12
CA MET C 162 27.37 18.76 -4.31
C MET C 162 27.13 19.14 -5.76
N HIS C 163 27.26 20.42 -6.06
CA HIS C 163 27.05 20.93 -7.41
C HIS C 163 28.23 21.79 -7.81
N ASP C 164 28.91 21.48 -8.91
CA ASP C 164 30.05 22.31 -9.25
C ASP C 164 29.67 23.56 -10.04
N ILE C 165 28.37 23.76 -10.26
CA ILE C 165 27.90 24.95 -10.97
C ILE C 165 27.53 26.12 -10.06
N HIS C 166 27.72 25.95 -8.76
CA HIS C 166 27.46 27.04 -7.82
C HIS C 166 28.76 27.43 -7.11
N PRO C 167 29.00 28.75 -6.99
CA PRO C 167 30.25 29.27 -6.41
C PRO C 167 30.46 28.84 -4.97
N GLN C 168 29.40 28.89 -4.17
CA GLN C 168 29.51 28.62 -2.76
C GLN C 168 29.77 27.14 -2.52
N SER C 169 29.35 26.32 -3.47
CA SER C 169 29.57 24.89 -3.37
C SER C 169 31.05 24.57 -3.61
N VAL C 170 31.59 25.11 -4.69
CA VAL C 170 33.00 24.91 -4.99
C VAL C 170 33.90 25.53 -3.92
N ALA C 171 33.47 26.67 -3.36
CA ALA C 171 34.25 27.34 -2.32
C ALA C 171 34.33 26.52 -1.04
N ALA C 172 33.40 25.58 -0.88
CA ALA C 172 33.36 24.77 0.33
C ALA C 172 34.30 23.57 0.25
N VAL C 173 34.78 23.26 -0.95
CA VAL C 173 35.53 22.03 -1.16
C VAL C 173 36.90 21.99 -0.44
N PRO C 174 37.65 23.11 -0.41
CA PRO C 174 38.89 23.00 0.38
C PRO C 174 38.67 22.61 1.85
N ALA C 175 37.67 23.19 2.51
CA ALA C 175 37.42 22.87 3.91
C ALA C 175 36.93 21.44 4.08
N ILE C 176 36.17 20.95 3.09
CA ILE C 176 35.69 19.58 3.13
C ILE C 176 36.84 18.60 2.94
N LEU C 177 37.73 18.91 2.00
CA LEU C 177 38.90 18.05 1.75
C LEU C 177 39.77 17.94 2.99
N LYS C 178 40.10 19.09 3.57
CA LYS C 178 40.95 19.11 4.77
C LYS C 178 40.28 18.41 5.94
N GLY C 179 38.99 18.69 6.13
CA GLY C 179 38.25 18.16 7.26
C GLY C 179 38.07 16.66 7.24
N LEU C 180 37.74 16.11 6.07
CA LEU C 180 37.50 14.67 5.97
C LEU C 180 38.81 13.90 5.97
N LYS C 181 39.86 14.51 5.42
CA LYS C 181 41.18 13.90 5.47
C LYS C 181 41.62 13.70 6.92
N GLU C 182 41.36 14.70 7.75
CA GLU C 182 41.66 14.61 9.17
C GLU C 182 40.86 13.50 9.83
N LYS C 183 39.65 13.25 9.33
CA LYS C 183 38.81 12.20 9.91
C LYS C 183 39.17 10.82 9.36
N GLY C 184 40.15 10.77 8.47
CA GLY C 184 40.66 9.51 7.96
C GLY C 184 40.08 9.06 6.63
N TYR C 185 39.37 9.97 5.96
CA TYR C 185 38.78 9.66 4.65
C TYR C 185 39.78 9.81 3.50
N GLU C 186 39.75 8.86 2.57
CA GLU C 186 40.40 9.02 1.27
C GLU C 186 39.35 9.48 0.26
N PHE C 187 39.72 10.39 -0.64
CA PHE C 187 38.78 10.83 -1.67
C PHE C 187 38.99 10.05 -2.97
N GLU C 188 38.01 9.21 -3.31
CA GLU C 188 38.10 8.37 -4.49
C GLU C 188 36.95 8.62 -5.47
N ALA C 189 37.21 8.33 -6.74
CA ALA C 189 36.20 8.34 -7.77
C ALA C 189 35.40 7.05 -7.71
N TYR C 190 34.16 7.07 -8.19
CA TYR C 190 33.41 5.85 -8.42
C TYR C 190 34.21 4.96 -9.37
N HIS C 191 34.19 3.66 -9.10
CA HIS C 191 34.80 2.70 -10.02
C HIS C 191 33.75 1.70 -10.45
N GLU C 192 33.50 1.58 -11.74
CA GLU C 192 32.46 0.67 -12.24
C GLU C 192 32.69 -0.78 -11.85
N GLU C 193 33.95 -1.20 -11.84
CA GLU C 193 34.28 -2.58 -11.49
C GLU C 193 34.02 -2.87 -10.01
N SER C 194 33.79 -1.82 -9.22
CA SER C 194 33.55 -1.96 -7.79
C SER C 194 32.24 -1.30 -7.38
N HIS C 195 31.16 -1.57 -8.12
CA HIS C 195 29.88 -0.95 -7.79
C HIS C 195 29.35 -1.45 -6.45
N PHE C 196 28.74 -0.54 -5.70
CA PHE C 196 27.94 -0.92 -4.54
C PHE C 196 26.71 -0.05 -4.55
N PRO C 197 25.56 -0.63 -4.18
CA PRO C 197 24.31 0.13 -4.29
C PRO C 197 24.22 1.29 -3.32
N VAL C 198 23.81 2.43 -3.84
CA VAL C 198 23.50 3.61 -3.04
C VAL C 198 22.27 4.23 -3.66
N ASN C 199 21.09 3.85 -3.20
CA ASN C 199 19.89 4.46 -3.74
C ASN C 199 18.76 4.44 -2.74
N PHE C 200 17.85 5.40 -2.88
CA PHE C 200 16.78 5.58 -1.90
C PHE C 200 15.78 4.45 -1.90
N TRP C 201 15.73 3.69 -2.98
CA TRP C 201 14.82 2.56 -3.05
C TRP C 201 15.34 1.35 -2.30
N HIS C 202 16.60 1.41 -1.88
CA HIS C 202 17.28 0.24 -1.31
C HIS C 202 17.14 -0.95 -2.26
N ASP C 203 17.28 -0.66 -3.55
CA ASP C 203 17.17 -1.64 -4.62
C ASP C 203 18.57 -2.13 -5.00
N ASN C 204 18.90 -3.35 -4.63
CA ASN C 204 20.27 -3.83 -4.78
C ASN C 204 20.63 -4.22 -6.22
N ARG C 205 19.67 -4.08 -7.13
CA ARG C 205 19.95 -4.37 -8.53
C ARG C 205 20.27 -3.08 -9.29
N MET C 206 20.34 -1.97 -8.55
CA MET C 206 20.63 -0.65 -9.12
C MET C 206 22.01 -0.14 -8.77
N ARG D 1 -2.16 -31.18 10.88
CA ARG D 1 -0.99 -30.32 10.81
C ARG D 1 -1.29 -29.02 10.08
N LYS D 2 -0.58 -27.96 10.45
CA LYS D 2 -0.77 -26.66 9.84
C LYS D 2 0.06 -26.53 8.58
N VAL D 3 -0.60 -26.18 7.48
CA VAL D 3 0.09 -26.06 6.20
C VAL D 3 -0.15 -24.68 5.61
N ALA D 4 0.95 -24.03 5.25
CA ALA D 4 0.91 -22.78 4.50
C ALA D 4 1.20 -23.04 3.04
N TYR D 5 0.28 -22.60 2.17
CA TYR D 5 0.46 -22.70 0.72
C TYR D 5 0.82 -21.32 0.19
N LEU D 6 2.11 -21.06 0.04
CA LEU D 6 2.56 -19.86 -0.66
C LEU D 6 2.23 -19.99 -2.13
N THR D 7 1.58 -18.99 -2.70
CA THR D 7 1.25 -19.02 -4.11
C THR D 7 1.74 -17.75 -4.76
N PHE D 8 2.34 -17.90 -5.93
CA PHE D 8 2.96 -16.78 -6.61
C PHE D 8 2.37 -16.60 -8.00
N ASP D 9 1.74 -15.44 -8.20
CA ASP D 9 1.06 -15.14 -9.47
C ASP D 9 1.87 -14.26 -10.42
N ASP D 10 1.57 -14.40 -11.71
CA ASP D 10 1.88 -13.44 -12.80
C ASP D 10 3.26 -13.67 -13.44
N GLY D 11 4.00 -14.67 -12.98
CA GLY D 11 5.34 -14.92 -13.51
C GLY D 11 5.35 -15.92 -14.64
N PRO D 12 6.54 -16.48 -14.95
CA PRO D 12 7.80 -16.19 -14.25
C PRO D 12 8.37 -14.83 -14.65
N GLY D 13 9.45 -14.44 -13.98
CA GLY D 13 10.11 -13.20 -14.33
C GLY D 13 11.49 -13.11 -13.72
N LYS D 14 12.05 -11.90 -13.72
CA LYS D 14 13.44 -11.71 -13.39
C LYS D 14 13.77 -11.86 -11.91
N TYR D 15 12.76 -12.02 -11.06
CA TYR D 15 13.01 -12.25 -9.63
C TYR D 15 12.76 -13.68 -9.22
N THR D 16 12.30 -14.50 -10.17
CA THR D 16 11.89 -15.86 -9.85
C THR D 16 13.07 -16.75 -9.42
N ALA D 17 14.21 -16.59 -10.07
CA ALA D 17 15.38 -17.40 -9.75
C ALA D 17 15.82 -17.16 -8.30
N GLU D 18 15.85 -15.90 -7.89
CA GLU D 18 16.18 -15.54 -6.52
C GLU D 18 15.16 -16.13 -5.54
N LEU D 19 13.87 -16.02 -5.86
CA LEU D 19 12.85 -16.64 -5.03
C LEU D 19 13.03 -18.15 -4.89
N LEU D 20 13.31 -18.83 -6.00
CA LEU D 20 13.54 -20.27 -5.95
C LEU D 20 14.73 -20.63 -5.06
N ASN D 21 15.76 -19.78 -5.09
CA ASN D 21 16.93 -19.96 -4.22
C ASN D 21 16.49 -19.88 -2.75
N THR D 22 15.66 -18.90 -2.44
CA THR D 22 15.21 -18.69 -1.07
C THR D 22 14.38 -19.86 -0.55
N LEU D 23 13.46 -20.33 -1.40
CA LEU D 23 12.58 -21.42 -1.02
C LEU D 23 13.39 -22.68 -0.76
N LYS D 24 14.37 -22.94 -1.62
CA LYS D 24 15.24 -24.11 -1.46
C LYS D 24 16.06 -24.03 -0.16
N GLN D 25 16.54 -22.84 0.17
CA GLN D 25 17.34 -22.67 1.39
C GLN D 25 16.57 -23.03 2.65
N HIS D 26 15.25 -22.89 2.60
CA HIS D 26 14.40 -23.14 3.76
C HIS D 26 13.59 -24.44 3.66
N ASP D 27 13.89 -25.25 2.65
CA ASP D 27 13.17 -26.51 2.41
C ASP D 27 11.67 -26.27 2.26
N ALA D 28 11.32 -25.16 1.62
CA ALA D 28 9.92 -24.80 1.42
C ALA D 28 9.50 -25.09 -0.01
N LYS D 29 8.27 -25.61 -0.15
CA LYS D 29 7.69 -25.88 -1.45
C LYS D 29 6.51 -24.95 -1.63
N ALA D 30 6.29 -24.49 -2.86
CA ALA D 30 5.29 -23.47 -3.13
C ALA D 30 4.56 -23.77 -4.42
N THR D 31 3.69 -22.83 -4.82
CA THR D 31 2.83 -23.01 -5.97
C THR D 31 2.96 -21.77 -6.82
N PHE D 32 3.14 -21.96 -8.12
CA PHE D 32 3.28 -20.85 -9.06
C PHE D 32 2.18 -20.87 -10.11
N PHE D 33 1.54 -19.72 -10.31
CA PHE D 33 0.49 -19.59 -11.31
C PHE D 33 0.96 -18.66 -12.43
N LEU D 34 1.17 -19.22 -13.61
CA LEU D 34 1.93 -18.57 -14.65
C LEU D 34 1.06 -17.98 -15.76
N ILE D 35 1.51 -16.86 -16.30
CA ILE D 35 0.86 -16.26 -17.44
C ILE D 35 1.52 -16.78 -18.73
N GLY D 36 0.72 -17.16 -19.72
CA GLY D 36 1.22 -17.74 -20.96
C GLY D 36 2.40 -17.04 -21.63
N ALA D 37 2.31 -15.72 -21.79
CA ALA D 37 3.40 -15.01 -22.46
C ALA D 37 4.70 -15.19 -21.70
N ASN D 38 4.62 -15.27 -20.38
CA ASN D 38 5.81 -15.42 -19.57
C ASN D 38 6.33 -16.86 -19.59
N VAL D 39 5.42 -17.81 -19.75
CA VAL D 39 5.80 -19.22 -19.96
C VAL D 39 6.65 -19.35 -21.21
N LYS D 40 6.26 -18.66 -22.27
CA LYS D 40 7.00 -18.72 -23.54
C LYS D 40 8.33 -17.98 -23.46
N GLU D 41 8.39 -16.91 -22.68
CA GLU D 41 9.61 -16.14 -22.53
C GLU D 41 10.61 -16.78 -21.58
N PHE D 42 10.11 -17.43 -20.54
CA PHE D 42 10.98 -18.01 -19.52
C PHE D 42 10.75 -19.51 -19.29
N PRO D 43 10.93 -20.34 -20.34
CA PRO D 43 10.69 -21.78 -20.17
C PRO D 43 11.65 -22.36 -19.16
N ASP D 44 12.85 -21.81 -19.08
CA ASP D 44 13.86 -22.28 -18.13
C ASP D 44 13.38 -22.17 -16.69
N LEU D 45 12.62 -21.11 -16.40
CA LEU D 45 12.16 -20.89 -15.03
C LEU D 45 11.00 -21.83 -14.74
N VAL D 46 10.15 -22.07 -15.74
CA VAL D 46 9.08 -23.05 -15.61
C VAL D 46 9.67 -24.43 -15.30
N LYS D 47 10.72 -24.79 -16.03
CA LYS D 47 11.40 -26.07 -15.83
C LYS D 47 11.99 -26.15 -14.42
N ARG D 48 12.63 -25.08 -13.97
CA ARG D 48 13.27 -25.11 -12.65
C ARG D 48 12.22 -25.13 -11.53
N GLU D 49 11.12 -24.39 -11.68
CA GLU D 49 10.03 -24.44 -10.69
C GLU D 49 9.55 -25.86 -10.49
N ASN D 50 9.28 -26.56 -11.59
CA ASN D 50 8.82 -27.92 -11.50
C ASN D 50 9.90 -28.88 -10.99
N ALA D 51 11.14 -28.68 -11.44
CA ALA D 51 12.23 -29.56 -11.03
C ALA D 51 12.49 -29.50 -9.53
N GLU D 52 12.22 -28.36 -8.91
CA GLU D 52 12.55 -28.19 -7.50
C GLU D 52 11.34 -28.41 -6.60
N GLY D 53 10.33 -29.10 -7.13
CA GLY D 53 9.24 -29.61 -6.30
C GLY D 53 8.03 -28.73 -6.13
N HIS D 54 8.00 -27.60 -6.84
CA HIS D 54 6.87 -26.70 -6.71
C HIS D 54 5.78 -27.06 -7.69
N TYR D 55 4.56 -26.63 -7.37
CA TYR D 55 3.46 -26.89 -8.29
C TYR D 55 3.37 -25.77 -9.29
N VAL D 56 3.24 -26.12 -10.56
CA VAL D 56 3.05 -25.14 -11.61
C VAL D 56 1.63 -25.21 -12.18
N GLY D 57 0.89 -24.12 -12.03
CA GLY D 57 -0.46 -24.00 -12.56
C GLY D 57 -0.66 -22.79 -13.44
N MET D 58 -1.92 -22.53 -13.80
CA MET D 58 -2.24 -21.55 -14.82
C MET D 58 -2.86 -20.26 -14.28
N HIS D 59 -2.50 -19.13 -14.90
CA HIS D 59 -3.02 -17.82 -14.53
C HIS D 59 -3.50 -17.03 -15.75
N SER D 60 -3.79 -17.76 -16.84
CA SER D 60 -4.42 -17.27 -18.10
C SER D 60 -3.39 -16.80 -19.15
N MET D 61 -3.91 -16.32 -20.27
CA MET D 61 -3.08 -15.77 -21.34
C MET D 61 -3.10 -14.23 -21.33
N THR D 62 -4.28 -13.64 -21.21
CA THR D 62 -4.43 -12.19 -21.37
C THR D 62 -4.46 -11.43 -20.06
N HIS D 63 -4.82 -12.11 -18.98
CA HIS D 63 -5.02 -11.46 -17.68
C HIS D 63 -5.96 -10.24 -17.84
N ASN D 64 -6.93 -10.38 -18.73
CA ASN D 64 -7.87 -9.29 -19.06
C ASN D 64 -9.26 -9.64 -18.56
N PHE D 65 -9.78 -8.83 -17.64
CA PHE D 65 -11.06 -9.11 -16.99
C PHE D 65 -12.20 -9.23 -18.01
N ALA D 66 -12.27 -8.28 -18.94
CA ALA D 66 -13.32 -8.27 -19.96
C ALA D 66 -13.29 -9.54 -20.82
N LYS D 67 -12.10 -9.93 -21.28
CA LYS D 67 -11.98 -11.14 -22.09
C LYS D 67 -12.29 -12.40 -21.31
N LEU D 68 -11.70 -12.53 -20.12
CA LEU D 68 -11.87 -13.73 -19.32
C LEU D 68 -13.31 -13.95 -18.86
N TYR D 69 -13.96 -12.88 -18.43
CA TYR D 69 -15.21 -13.04 -17.69
C TYR D 69 -16.40 -12.49 -18.43
N LYS D 70 -16.28 -11.27 -18.95
CA LYS D 70 -17.38 -10.69 -19.71
C LYS D 70 -17.60 -11.45 -21.02
N ASN D 71 -16.51 -11.72 -21.73
CA ASN D 71 -16.58 -12.45 -22.99
C ASN D 71 -16.50 -13.97 -22.80
N GLY D 72 -16.21 -14.40 -21.57
CA GLY D 72 -16.28 -15.80 -21.23
C GLY D 72 -15.16 -16.67 -21.75
N GLU D 73 -13.97 -16.09 -21.91
CA GLU D 73 -12.83 -16.84 -22.43
C GLU D 73 -11.99 -17.57 -21.37
N TYR D 74 -12.42 -17.55 -20.10
CA TYR D 74 -11.62 -18.10 -19.00
C TYR D 74 -11.09 -19.50 -19.25
N VAL D 75 -11.99 -20.44 -19.57
CA VAL D 75 -11.56 -21.82 -19.70
C VAL D 75 -10.71 -22.01 -20.95
N ASN D 76 -11.07 -21.32 -22.03
CA ASN D 76 -10.26 -21.36 -23.25
C ASN D 76 -8.82 -20.91 -22.97
N GLU D 77 -8.66 -19.82 -22.24
CA GLU D 77 -7.32 -19.32 -21.92
C GLU D 77 -6.55 -20.26 -21.00
N MET D 78 -7.23 -20.84 -20.01
CA MET D 78 -6.55 -21.75 -19.09
C MET D 78 -6.11 -23.02 -19.81
N LYS D 79 -6.91 -23.50 -20.75
CA LYS D 79 -6.53 -24.68 -21.51
C LYS D 79 -5.31 -24.40 -22.39
N GLU D 80 -5.29 -23.22 -23.02
CA GLU D 80 -4.15 -22.85 -23.86
C GLU D 80 -2.87 -22.74 -23.02
N ASP D 81 -3.00 -22.08 -21.87
CA ASP D 81 -1.89 -21.94 -20.94
C ASP D 81 -1.40 -23.30 -20.46
N GLN D 82 -2.35 -24.21 -20.21
CA GLN D 82 -2.03 -25.56 -19.76
C GLN D 82 -1.15 -26.29 -20.78
N GLY D 83 -1.47 -26.12 -22.06
CA GLY D 83 -0.73 -26.77 -23.11
C GLY D 83 0.68 -26.25 -23.21
N LEU D 84 0.87 -24.96 -22.96
CA LEU D 84 2.21 -24.35 -23.02
C LEU D 84 3.08 -24.93 -21.90
N ILE D 85 2.49 -25.07 -20.72
CA ILE D 85 3.20 -25.61 -19.58
C ILE D 85 3.53 -27.09 -19.81
N ALA D 86 2.56 -27.84 -20.31
CA ALA D 86 2.75 -29.26 -20.56
C ALA D 86 3.88 -29.51 -21.55
N ASN D 87 4.03 -28.60 -22.50
CA ASN D 87 5.09 -28.67 -23.51
C ASN D 87 6.48 -28.62 -22.89
N ILE D 88 6.57 -27.99 -21.72
CA ILE D 88 7.86 -27.80 -21.02
C ILE D 88 8.11 -28.87 -19.96
N ILE D 89 7.10 -29.15 -19.14
CA ILE D 89 7.34 -30.01 -17.97
C ILE D 89 6.71 -31.40 -18.08
N GLY D 90 5.95 -31.64 -19.15
CA GLY D 90 5.41 -32.96 -19.42
C GLY D 90 4.29 -33.35 -18.48
N LYS D 91 3.70 -32.35 -17.84
CA LYS D 91 2.52 -32.47 -17.00
C LYS D 91 1.43 -31.57 -17.53
N SER D 92 0.17 -31.99 -17.44
CA SER D 92 -0.96 -31.11 -17.73
C SER D 92 -1.64 -30.71 -16.44
N PRO D 93 -1.27 -29.55 -15.88
CA PRO D 93 -1.83 -29.16 -14.58
C PRO D 93 -3.33 -28.88 -14.68
N LYS D 94 -4.04 -29.10 -13.58
CA LYS D 94 -5.48 -28.88 -13.55
C LYS D 94 -5.85 -27.60 -12.78
N LEU D 95 -4.95 -27.09 -11.96
CA LEU D 95 -5.31 -25.99 -11.07
C LEU D 95 -5.09 -24.62 -11.71
N THR D 96 -6.14 -23.82 -11.69
CA THR D 96 -6.08 -22.44 -12.19
C THR D 96 -6.27 -21.46 -11.04
N ARG D 97 -5.71 -20.26 -11.21
CA ARG D 97 -5.86 -19.15 -10.28
C ARG D 97 -6.45 -18.00 -11.10
N PRO D 98 -7.67 -17.56 -10.78
CA PRO D 98 -8.26 -16.50 -11.61
C PRO D 98 -7.58 -15.13 -11.47
N PRO D 99 -7.23 -14.50 -12.60
CA PRO D 99 -6.87 -13.08 -12.55
C PRO D 99 -7.98 -12.31 -11.85
N TYR D 100 -7.58 -11.47 -10.90
CA TYR D 100 -8.49 -10.65 -10.10
C TYR D 100 -9.35 -11.45 -9.12
N GLY D 101 -9.06 -12.75 -8.98
CA GLY D 101 -9.91 -13.61 -8.15
C GLY D 101 -11.21 -13.99 -8.85
N SER D 102 -11.88 -15.02 -8.35
CA SER D 102 -13.08 -15.54 -9.02
C SER D 102 -14.32 -14.69 -8.85
N MET D 103 -14.27 -13.76 -7.90
CA MET D 103 -15.46 -13.01 -7.47
C MET D 103 -15.40 -11.56 -7.92
N PRO D 104 -16.35 -11.13 -8.78
CA PRO D 104 -17.53 -11.84 -9.28
C PRO D 104 -17.41 -12.40 -10.69
N GLY D 105 -16.23 -12.29 -11.30
CA GLY D 105 -16.06 -12.62 -12.70
C GLY D 105 -16.45 -14.01 -13.13
N LEU D 106 -16.13 -15.00 -12.30
CA LEU D 106 -16.37 -16.38 -12.68
C LEU D 106 -17.82 -16.79 -12.36
N ASN D 107 -18.72 -16.43 -13.28
CA ASN D 107 -20.15 -16.65 -13.08
C ASN D 107 -20.51 -18.13 -13.20
N GLU D 108 -21.77 -18.47 -12.92
CA GLU D 108 -22.16 -19.88 -12.85
C GLU D 108 -21.85 -20.64 -14.13
N GLY D 109 -22.10 -19.99 -15.27
CA GLY D 109 -21.84 -20.63 -16.56
C GLY D 109 -20.37 -20.99 -16.74
N LEU D 110 -19.48 -20.08 -16.36
CA LEU D 110 -18.06 -20.34 -16.45
C LEU D 110 -17.62 -21.40 -15.45
N ARG D 111 -18.17 -21.35 -14.24
CA ARG D 111 -17.85 -22.37 -13.24
C ARG D 111 -18.26 -23.77 -13.72
N ASN D 112 -19.42 -23.86 -14.36
CA ASN D 112 -19.82 -25.13 -14.96
C ASN D 112 -18.83 -25.59 -16.05
N LYS D 113 -18.35 -24.66 -16.87
CA LYS D 113 -17.39 -25.00 -17.92
C LYS D 113 -16.05 -25.41 -17.31
N VAL D 114 -15.66 -24.76 -16.22
CA VAL D 114 -14.45 -25.15 -15.51
C VAL D 114 -14.54 -26.60 -15.04
N VAL D 115 -15.64 -26.94 -14.39
CA VAL D 115 -15.84 -28.28 -13.88
C VAL D 115 -15.89 -29.29 -15.03
N GLU D 116 -16.64 -28.96 -16.09
CA GLU D 116 -16.76 -29.85 -17.24
C GLU D 116 -15.42 -30.07 -17.94
N GLY D 117 -14.54 -29.07 -17.89
CA GLY D 117 -13.23 -29.16 -18.53
C GLY D 117 -12.20 -29.85 -17.67
N GLY D 118 -12.58 -30.23 -16.45
CA GLY D 118 -11.69 -30.94 -15.55
C GLY D 118 -10.72 -30.05 -14.80
N PHE D 119 -10.98 -28.74 -14.81
CA PHE D 119 -10.10 -27.80 -14.12
C PHE D 119 -10.54 -27.57 -12.69
N LYS D 120 -9.61 -27.08 -11.88
CA LYS D 120 -9.90 -26.66 -10.51
C LYS D 120 -9.58 -25.16 -10.41
N VAL D 121 -10.13 -24.51 -9.40
CA VAL D 121 -9.91 -23.08 -9.19
C VAL D 121 -9.51 -22.79 -7.75
N TRP D 122 -8.37 -22.15 -7.54
CA TRP D 122 -8.01 -21.66 -6.22
C TRP D 122 -7.97 -20.14 -6.18
N ASP D 123 -8.73 -19.58 -5.25
CA ASP D 123 -8.51 -18.20 -4.83
C ASP D 123 -7.47 -18.24 -3.69
N TRP D 124 -7.73 -17.55 -2.58
CA TRP D 124 -6.75 -17.49 -1.51
C TRP D 124 -7.43 -17.17 -0.20
N THR D 125 -6.70 -17.36 0.90
CA THR D 125 -7.24 -17.01 2.21
C THR D 125 -6.52 -15.84 2.84
N ILE D 126 -5.31 -15.53 2.36
CA ILE D 126 -4.57 -14.36 2.82
C ILE D 126 -4.05 -13.61 1.61
N ASP D 127 -4.40 -12.33 1.50
CA ASP D 127 -3.85 -11.46 0.47
C ASP D 127 -2.66 -10.70 1.07
N SER D 128 -1.46 -10.96 0.56
CA SER D 128 -0.30 -10.24 1.08
C SER D 128 -0.31 -8.76 0.72
N LEU D 129 -1.08 -8.40 -0.31
CA LEU D 129 -1.16 -7.05 -0.87
C LEU D 129 0.18 -6.57 -1.43
N ASP D 130 1.05 -7.52 -1.75
CA ASP D 130 2.45 -7.17 -2.02
C ASP D 130 2.66 -6.17 -3.16
N TRP D 131 1.87 -6.27 -4.21
CA TRP D 131 2.03 -5.41 -5.38
C TRP D 131 1.76 -3.94 -5.09
N ARG D 132 1.06 -3.67 -3.99
CA ARG D 132 0.70 -2.29 -3.64
C ARG D 132 1.83 -1.53 -2.95
N TYR D 133 2.83 -2.26 -2.46
CA TYR D 133 3.94 -1.62 -1.73
C TYR D 133 5.10 -1.22 -2.63
N ASN D 134 4.81 -0.48 -3.69
CA ASN D 134 5.85 -0.16 -4.65
C ASN D 134 6.21 1.32 -4.67
N LYS D 135 5.89 2.03 -3.59
CA LYS D 135 6.20 3.45 -3.50
C LYS D 135 7.10 3.77 -2.33
N MET D 136 7.78 2.75 -1.82
CA MET D 136 8.65 2.90 -0.66
CA MET D 136 8.65 2.92 -0.67
C MET D 136 9.85 2.00 -0.87
N PRO D 137 10.90 2.16 -0.05
CA PRO D 137 12.07 1.31 -0.23
C PRO D 137 11.74 -0.19 -0.13
N VAL D 138 12.47 -0.99 -0.88
CA VAL D 138 12.14 -2.41 -1.03
C VAL D 138 12.15 -3.15 0.30
N ASP D 139 13.15 -2.87 1.16
CA ASP D 139 13.21 -3.60 2.43
C ASP D 139 12.08 -3.19 3.40
N ALA D 140 11.73 -1.90 3.40
CA ALA D 140 10.64 -1.40 4.24
C ALA D 140 9.33 -2.01 3.79
N ALA D 141 9.15 -2.07 2.48
CA ALA D 141 7.98 -2.70 1.89
C ALA D 141 7.91 -4.19 2.26
N ALA D 142 9.03 -4.88 2.10
CA ALA D 142 9.07 -6.31 2.40
C ALA D 142 8.66 -6.59 3.84
N ALA D 143 9.05 -5.72 4.76
CA ALA D 143 8.74 -5.95 6.17
C ALA D 143 7.25 -5.82 6.43
N GLN D 144 6.60 -4.85 5.78
CA GLN D 144 5.15 -4.65 5.95
C GLN D 144 4.37 -5.78 5.29
N ILE D 145 4.84 -6.26 4.14
CA ILE D 145 4.21 -7.39 3.45
C ILE D 145 4.28 -8.64 4.33
N ALA D 146 5.45 -8.88 4.92
CA ALA D 146 5.61 -10.01 5.81
C ALA D 146 4.64 -9.89 6.98
N GLN D 147 4.50 -8.69 7.53
CA GLN D 147 3.57 -8.47 8.64
C GLN D 147 2.14 -8.81 8.23
N ASN D 148 1.74 -8.42 7.01
CA ASN D 148 0.38 -8.76 6.55
C ASN D 148 0.12 -10.26 6.58
N VAL D 149 1.10 -11.02 6.13
CA VAL D 149 0.92 -12.47 6.07
C VAL D 149 0.95 -13.09 7.47
N LEU D 150 1.94 -12.70 8.27
CA LEU D 150 2.07 -13.30 9.62
C LEU D 150 0.86 -13.01 10.50
N THR D 151 0.37 -11.77 10.43
CA THR D 151 -0.77 -11.33 11.24
C THR D 151 -2.04 -12.11 10.93
N ASN D 152 -2.16 -12.58 9.70
CA ASN D 152 -3.41 -13.16 9.23
C ASN D 152 -3.39 -14.68 9.13
N ALA D 153 -2.27 -15.28 9.48
CA ALA D 153 -2.16 -16.74 9.43
C ALA D 153 -2.63 -17.34 10.74
N THR D 154 -3.86 -17.79 10.75
CA THR D 154 -4.49 -18.27 11.97
C THR D 154 -5.15 -19.64 11.81
N LYS D 155 -5.43 -20.03 10.57
CA LYS D 155 -6.12 -21.30 10.31
C LYS D 155 -5.16 -22.45 10.01
N PRO D 156 -5.65 -23.71 10.10
CA PRO D 156 -4.77 -24.85 9.82
C PRO D 156 -4.31 -24.94 8.35
N GLN D 157 -5.11 -24.41 7.44
CA GLN D 157 -4.71 -24.29 6.04
C GLN D 157 -4.78 -22.83 5.66
N GLU D 158 -3.67 -22.27 5.16
CA GLU D 158 -3.71 -20.92 4.65
C GLU D 158 -3.15 -20.92 3.24
N VAL D 159 -3.83 -20.22 2.34
CA VAL D 159 -3.41 -20.08 0.94
C VAL D 159 -3.07 -18.61 0.75
N ILE D 160 -1.79 -18.32 0.56
CA ILE D 160 -1.28 -16.97 0.58
C ILE D 160 -1.03 -16.45 -0.83
N LEU D 161 -1.62 -15.33 -1.16
CA LEU D 161 -1.45 -14.70 -2.48
C LEU D 161 -0.29 -13.74 -2.48
N MET D 162 0.69 -14.03 -3.35
CA MET D 162 1.82 -13.14 -3.61
C MET D 162 2.06 -13.10 -5.10
N HIS D 163 3.00 -12.26 -5.52
CA HIS D 163 3.36 -12.12 -6.94
C HIS D 163 4.85 -12.12 -7.05
N ASP D 164 5.44 -13.09 -7.76
CA ASP D 164 6.90 -13.15 -7.75
C ASP D 164 7.56 -12.21 -8.76
N ILE D 165 6.80 -11.29 -9.33
CA ILE D 165 7.32 -10.34 -10.32
C ILE D 165 7.70 -8.96 -9.78
N HIS D 166 7.66 -8.79 -8.45
CA HIS D 166 8.01 -7.53 -7.82
C HIS D 166 9.14 -7.74 -6.83
N PRO D 167 10.07 -6.78 -6.74
CA PRO D 167 11.23 -6.98 -5.86
C PRO D 167 10.85 -7.07 -4.38
N GLN D 168 9.89 -6.26 -3.94
CA GLN D 168 9.52 -6.26 -2.53
C GLN D 168 8.82 -7.55 -2.12
N SER D 169 8.19 -8.22 -3.08
CA SER D 169 7.52 -9.50 -2.82
C SER D 169 8.50 -10.59 -2.49
N VAL D 170 9.50 -10.75 -3.36
CA VAL D 170 10.50 -11.78 -3.14
C VAL D 170 11.31 -11.44 -1.87
N ALA D 171 11.53 -10.15 -1.61
CA ALA D 171 12.28 -9.76 -0.43
C ALA D 171 11.53 -10.06 0.88
N ALA D 172 10.20 -10.17 0.82
CA ALA D 172 9.39 -10.47 2.01
C ALA D 172 9.42 -11.94 2.38
N VAL D 173 9.76 -12.81 1.44
CA VAL D 173 9.58 -14.24 1.66
C VAL D 173 10.44 -14.81 2.82
N PRO D 174 11.71 -14.38 2.97
CA PRO D 174 12.44 -14.92 4.12
C PRO D 174 11.76 -14.67 5.48
N ALA D 175 11.22 -13.48 5.71
CA ALA D 175 10.58 -13.21 6.99
C ALA D 175 9.26 -13.98 7.13
N ILE D 176 8.59 -14.20 6.01
CA ILE D 176 7.37 -14.99 6.01
C ILE D 176 7.66 -16.46 6.34
N LEU D 177 8.68 -17.03 5.72
CA LEU D 177 9.09 -18.41 6.00
C LEU D 177 9.47 -18.60 7.46
N LYS D 178 10.27 -17.68 7.99
CA LYS D 178 10.72 -17.79 9.38
C LYS D 178 9.57 -17.61 10.35
N GLY D 179 8.75 -16.60 10.11
CA GLY D 179 7.63 -16.28 10.98
C GLY D 179 6.55 -17.36 11.02
N LEU D 180 6.20 -17.90 9.85
CA LEU D 180 5.17 -18.95 9.85
C LEU D 180 5.69 -20.27 10.40
N LYS D 181 6.98 -20.54 10.21
CA LYS D 181 7.57 -21.73 10.82
C LYS D 181 7.45 -21.66 12.34
N GLU D 182 7.66 -20.46 12.90
CA GLU D 182 7.57 -20.29 14.35
C GLU D 182 6.13 -20.50 14.86
N LYS D 183 5.15 -20.30 14.00
CA LYS D 183 3.75 -20.52 14.34
C LYS D 183 3.30 -21.96 14.10
N GLY D 184 4.18 -22.78 13.56
CA GLY D 184 3.90 -24.21 13.41
C GLY D 184 3.50 -24.65 12.01
N TYR D 185 3.60 -23.74 11.04
CA TYR D 185 3.25 -24.11 9.67
C TYR D 185 4.38 -24.83 8.95
N GLU D 186 4.00 -25.78 8.10
CA GLU D 186 4.91 -26.32 7.09
C GLU D 186 4.54 -25.75 5.73
N PHE D 187 5.54 -25.51 4.87
CA PHE D 187 5.29 -24.92 3.56
C PHE D 187 5.27 -25.98 2.47
N GLU D 188 4.08 -26.19 1.89
CA GLU D 188 3.89 -27.24 0.90
C GLU D 188 3.36 -26.68 -0.40
N ALA D 189 3.68 -27.39 -1.48
CA ALA D 189 3.06 -27.12 -2.77
C ALA D 189 1.66 -27.69 -2.80
N TYR D 190 0.83 -27.14 -3.68
CA TYR D 190 -0.43 -27.77 -4.03
C TYR D 190 -0.19 -29.18 -4.58
N HIS D 191 -1.02 -30.11 -4.16
CA HIS D 191 -0.97 -31.46 -4.69
C HIS D 191 -2.33 -31.83 -5.26
N GLU D 192 -2.37 -32.14 -6.56
CA GLU D 192 -3.63 -32.44 -7.23
C GLU D 192 -4.38 -33.61 -6.60
N GLU D 193 -3.65 -34.58 -6.06
CA GLU D 193 -4.31 -35.77 -5.55
C GLU D 193 -4.97 -35.51 -4.18
N SER D 194 -4.70 -34.35 -3.59
CA SER D 194 -5.22 -33.99 -2.28
C SER D 194 -6.04 -32.70 -2.32
N HIS D 195 -6.65 -32.41 -3.47
CA HIS D 195 -7.36 -31.13 -3.65
C HIS D 195 -8.41 -30.90 -2.57
N PHE D 196 -8.44 -29.68 -2.02
CA PHE D 196 -9.58 -29.21 -1.25
C PHE D 196 -9.95 -27.84 -1.82
N PRO D 197 -11.25 -27.52 -1.80
CA PRO D 197 -11.70 -26.26 -2.42
C PRO D 197 -11.34 -25.01 -1.61
N VAL D 198 -10.85 -24.00 -2.31
CA VAL D 198 -10.59 -22.70 -1.76
C VAL D 198 -11.03 -21.72 -2.82
N ASN D 199 -12.26 -21.24 -2.74
CA ASN D 199 -12.71 -20.25 -3.72
C ASN D 199 -13.81 -19.38 -3.14
N PHE D 200 -13.90 -18.16 -3.67
CA PHE D 200 -14.78 -17.15 -3.13
C PHE D 200 -16.26 -17.42 -3.39
N TRP D 201 -16.56 -18.36 -4.29
CA TRP D 201 -17.95 -18.73 -4.58
C TRP D 201 -18.48 -19.84 -3.66
N HIS D 202 -17.62 -20.39 -2.81
CA HIS D 202 -18.00 -21.51 -1.97
C HIS D 202 -18.58 -22.65 -2.83
N ASP D 203 -17.96 -22.86 -3.99
CA ASP D 203 -18.36 -23.91 -4.94
C ASP D 203 -17.46 -25.12 -4.73
N ASN D 204 -17.95 -26.16 -4.07
CA ASN D 204 -17.07 -27.28 -3.73
C ASN D 204 -16.80 -28.23 -4.91
N ARG D 205 -17.25 -27.88 -6.11
CA ARG D 205 -16.95 -28.68 -7.29
C ARG D 205 -15.60 -28.31 -7.91
N MET D 206 -15.11 -27.13 -7.55
CA MET D 206 -13.91 -26.51 -8.13
C MET D 206 -12.71 -26.58 -7.21
#